data_4DQW
#
_entry.id   4DQW
#
_cell.length_a   108.960
_cell.length_b   108.960
_cell.length_c   194.390
_cell.angle_alpha   90.00
_cell.angle_beta   90.00
_cell.angle_gamma   90.00
#
_symmetry.space_group_name_H-M   'I 4'
#
loop_
_entity.id
_entity.type
_entity.pdbx_description
1 polymer "Inosine-5'-monophosphate dehydrogenase"
2 non-polymer "ADENOSINE-5'-TRIPHOSPHATE"
3 non-polymer 'MANGANESE (II) ION'
4 non-polymer 'PHOSPHATE ION'
5 non-polymer GLYCEROL
6 water water
#
_entity_poly.entity_id   1
_entity_poly.type   'polypeptide(L)'
_entity_poly.pdbx_seq_one_letter_code
;MGSSHHHHHHSSGLVPRGSHMLRISQEALTFDDVLLIPGYSEVLPKDVSLKTRLTRGIELNIPLVSAAMDTVTEARLAIA
MAQEGGIGIIHKNMGIEQQAAEVRKVKKHETAIVRDPVTVTPSTKIIELLQMAREYGFSGFPVVEQGELVGIVTGRDLRV
KPNAGDTVAAIMTPKDKLVTAREGTPLEEMKAKLYENRIEKMLVVDENFYLRGLVTFRDIEKAKTYPLASKDEQGRLRVG
AAVGTGADTGERVAALVAAGVDVVVVDTAHGHSKGVIERVRWVKQTFPDVQVIGGNIATAEAAKALAEAGADAVKVGIGP
GSICTTRIVAGVGVPQISAIANVAAALEGTGVPLIADGGIRFSGDLAKAMVAGAYCVMMGSMFAGTEEAPGEIELFQGRS
YKSYRGMGSLGAMSGSQGSSDRYFQDASAGAEKLVPEGIEGRVPYKGALSAIVHQLMGGLRAAMGYTGSADIQQMRTQPQ
FVRITGAGMAESHVHDVQITKEAPNYRVG
;
_entity_poly.pdbx_strand_id   A,B
#
loop_
_chem_comp.id
_chem_comp.type
_chem_comp.name
_chem_comp.formula
ATP non-polymer ADENOSINE-5'-TRIPHOSPHATE 'C10 H16 N5 O13 P3'
GOL non-polymer GLYCEROL 'C3 H8 O3'
MN non-polymer 'MANGANESE (II) ION' 'Mn 2'
PO4 non-polymer 'PHOSPHATE ION' 'O4 P -3'
#
# COMPACT_ATOMS: atom_id res chain seq x y z
N MET A 21 30.49 30.77 53.27
CA MET A 21 29.07 30.95 53.70
C MET A 21 28.14 31.09 52.49
N LEU A 22 28.55 30.51 51.37
CA LEU A 22 27.64 30.22 50.27
C LEU A 22 27.22 28.79 50.51
N ARG A 23 25.94 28.49 50.36
CA ARG A 23 25.38 27.24 50.86
C ARG A 23 25.28 26.16 49.78
N ILE A 24 26.38 25.44 49.58
CA ILE A 24 26.42 24.32 48.65
C ILE A 24 26.44 23.00 49.41
N SER A 25 25.52 22.10 49.06
CA SER A 25 25.44 20.82 49.75
C SER A 25 26.53 19.89 49.30
N GLN A 26 26.71 19.78 47.98
CA GLN A 26 27.67 18.84 47.42
C GLN A 26 27.95 19.12 45.94
N GLU A 27 28.81 18.31 45.32
CA GLU A 27 28.90 18.28 43.86
C GLU A 27 28.05 17.12 43.34
N ALA A 28 27.20 17.39 42.37
CA ALA A 28 26.26 16.40 41.85
C ALA A 28 26.63 15.96 40.44
N LEU A 29 26.48 14.67 40.16
CA LEU A 29 26.87 14.12 38.88
C LEU A 29 25.67 13.69 38.03
N THR A 30 25.74 13.95 36.73
CA THR A 30 24.77 13.44 35.78
C THR A 30 25.41 12.30 34.97
N PHE A 31 24.67 11.77 34.00
CA PHE A 31 25.07 10.62 33.21
C PHE A 31 26.40 10.83 32.47
N ASP A 32 26.56 12.01 31.85
CA ASP A 32 27.78 12.32 31.09
C ASP A 32 29.04 12.55 31.97
N ASP A 33 28.89 12.52 33.29
CA ASP A 33 30.02 12.68 34.18
C ASP A 33 30.66 11.35 34.58
N VAL A 34 30.02 10.23 34.28
CA VAL A 34 30.49 8.94 34.76
C VAL A 34 30.45 7.89 33.67
N LEU A 35 31.27 6.85 33.84
CA LEU A 35 31.29 5.65 33.00
C LEU A 35 31.42 4.40 33.86
N LEU A 36 30.87 3.27 33.40
CA LEU A 36 30.96 1.99 34.13
C LEU A 36 32.29 1.23 33.86
N ILE A 37 32.91 0.76 34.94
CA ILE A 37 34.21 0.12 34.91
C ILE A 37 33.98 -1.37 34.68
N PRO A 38 34.63 -1.96 33.65
CA PRO A 38 34.41 -3.38 33.39
C PRO A 38 35.00 -4.31 34.46
N GLY A 39 34.34 -5.44 34.68
CA GLY A 39 34.72 -6.38 35.74
C GLY A 39 34.75 -7.82 35.30
N TYR A 40 35.25 -8.69 36.17
CA TYR A 40 35.30 -10.11 35.84
C TYR A 40 33.91 -10.65 35.56
N SER A 41 33.76 -11.32 34.42
CA SER A 41 32.46 -11.63 33.88
C SER A 41 32.38 -13.06 33.42
N GLU A 42 31.50 -13.83 34.05
CA GLU A 42 31.25 -15.22 33.67
C GLU A 42 29.96 -15.44 32.87
N VAL A 43 28.99 -14.53 32.96
CA VAL A 43 27.71 -14.70 32.23
C VAL A 43 27.59 -13.77 31.03
N LEU A 44 27.12 -14.31 29.90
CA LEU A 44 27.02 -13.52 28.68
C LEU A 44 25.78 -12.65 28.70
N PRO A 45 25.82 -11.53 27.96
CA PRO A 45 24.68 -10.62 27.93
C PRO A 45 23.35 -11.33 27.72
N LYS A 46 23.31 -12.27 26.77
CA LYS A 46 22.07 -12.97 26.46
C LYS A 46 21.56 -13.83 27.63
N ASP A 47 22.41 -14.12 28.61
CA ASP A 47 22.10 -15.03 29.72
C ASP A 47 21.85 -14.33 31.06
N VAL A 48 21.99 -13.02 31.12
CA VAL A 48 21.66 -12.28 32.35
C VAL A 48 20.17 -12.09 32.50
N SER A 49 19.72 -11.92 33.74
CA SER A 49 18.29 -11.78 34.06
C SER A 49 17.97 -10.32 34.27
N LEU A 50 16.88 -9.85 33.64
CA LEU A 50 16.50 -8.44 33.68
C LEU A 50 15.28 -8.17 34.59
N LYS A 51 14.77 -9.21 35.24
CA LYS A 51 13.55 -9.03 36.03
C LYS A 51 13.82 -8.17 37.25
N THR A 52 12.86 -7.29 37.54
CA THR A 52 12.97 -6.32 38.62
C THR A 52 11.60 -6.05 39.33
N ARG A 53 11.53 -5.01 40.17
CA ARG A 53 10.26 -4.57 40.77
C ARG A 53 9.86 -3.14 40.37
N LEU A 54 8.59 -2.93 40.07
CA LEU A 54 8.04 -1.57 39.85
C LEU A 54 7.61 -0.99 41.18
N THR A 55 6.91 -1.78 41.97
CA THR A 55 6.49 -1.34 43.30
C THR A 55 6.67 -2.53 44.22
N ARG A 56 6.52 -2.33 45.52
CA ARG A 56 6.77 -3.47 46.42
C ARG A 56 5.90 -4.69 46.12
N GLY A 57 4.77 -4.50 45.45
CA GLY A 57 3.89 -5.61 45.07
C GLY A 57 3.70 -5.88 43.59
N ILE A 58 4.51 -5.26 42.74
CA ILE A 58 4.40 -5.43 41.29
C ILE A 58 5.77 -5.69 40.66
N GLU A 59 5.88 -6.78 39.90
CA GLU A 59 7.15 -7.19 39.31
C GLU A 59 7.13 -7.05 37.79
N LEU A 60 8.21 -6.50 37.26
CA LEU A 60 8.41 -6.41 35.83
C LEU A 60 9.52 -7.36 35.45
N ASN A 61 9.41 -7.93 34.26
CA ASN A 61 10.47 -8.75 33.70
C ASN A 61 11.51 -7.85 33.03
N ILE A 62 11.15 -6.65 32.62
CA ILE A 62 12.19 -5.71 32.20
C ILE A 62 12.06 -4.39 32.94
N PRO A 63 13.19 -3.68 33.15
CA PRO A 63 13.17 -2.44 33.90
C PRO A 63 12.70 -1.23 33.11
N LEU A 64 11.58 -1.32 32.44
CA LEU A 64 11.09 -0.22 31.62
C LEU A 64 9.69 0.23 32.00
N VAL A 65 9.52 1.54 32.12
CA VAL A 65 8.22 2.15 32.32
C VAL A 65 8.06 3.33 31.35
N SER A 66 6.90 3.46 30.69
CA SER A 66 6.62 4.61 29.80
C SER A 66 5.90 5.76 30.55
N ALA A 67 6.24 6.99 30.20
CA ALA A 67 5.84 8.16 30.98
C ALA A 67 4.41 8.59 30.73
N ALA A 68 3.88 9.33 31.71
CA ALA A 68 2.50 9.77 31.69
C ALA A 68 2.39 11.09 30.92
N MET A 69 2.45 11.01 29.60
CA MET A 69 2.35 12.18 28.74
C MET A 69 1.37 11.89 27.61
N ASP A 70 0.62 12.92 27.20
CA ASP A 70 -0.34 12.80 26.09
C ASP A 70 0.32 12.50 24.75
N THR A 71 1.63 12.73 24.66
CA THR A 71 2.40 12.34 23.49
C THR A 71 2.98 10.90 23.55
N VAL A 72 2.83 10.22 24.70
CA VAL A 72 3.54 8.96 24.97
C VAL A 72 2.60 7.79 25.35
N THR A 73 2.01 7.81 26.54
CA THR A 73 1.28 6.63 27.04
C THR A 73 -0.23 6.82 27.15
N GLU A 74 -0.94 6.20 26.21
CA GLU A 74 -2.36 5.92 26.33
C GLU A 74 -2.50 4.40 26.27
N ALA A 75 -3.73 3.89 26.16
CA ALA A 75 -4.00 2.44 26.10
C ALA A 75 -3.13 1.68 25.09
N ARG A 76 -3.02 2.23 23.87
CA ARG A 76 -2.32 1.54 22.78
C ARG A 76 -0.88 1.17 23.15
N LEU A 77 -0.12 2.12 23.67
CA LEU A 77 1.28 1.88 24.09
C LEU A 77 1.37 1.16 25.44
N ALA A 78 0.48 1.53 26.35
CA ALA A 78 0.31 0.85 27.63
C ALA A 78 0.24 -0.67 27.47
N ILE A 79 -0.57 -1.12 26.51
CA ILE A 79 -0.62 -2.53 26.13
C ILE A 79 0.78 -3.02 25.72
N ALA A 80 1.37 -2.35 24.72
CA ALA A 80 2.65 -2.74 24.13
C ALA A 80 3.72 -2.91 25.20
N MET A 81 3.78 -1.95 26.13
CA MET A 81 4.74 -1.98 27.21
C MET A 81 4.51 -3.15 28.15
N ALA A 82 3.24 -3.45 28.43
CA ALA A 82 2.91 -4.59 29.30
C ALA A 82 3.34 -5.89 28.63
N GLN A 83 3.03 -6.02 27.35
CA GLN A 83 3.38 -7.21 26.58
C GLN A 83 4.89 -7.41 26.48
N GLU A 84 5.63 -6.30 26.35
CA GLU A 84 7.09 -6.35 26.25
C GLU A 84 7.76 -6.77 27.55
N GLY A 85 7.04 -6.62 28.67
CA GLY A 85 7.56 -6.98 30.00
C GLY A 85 7.66 -5.81 30.98
N GLY A 86 7.34 -4.62 30.50
CA GLY A 86 7.35 -3.43 31.34
C GLY A 86 5.95 -3.04 31.77
N ILE A 87 5.71 -1.73 31.77
CA ILE A 87 4.40 -1.18 32.13
C ILE A 87 4.24 0.26 31.59
N GLY A 88 3.00 0.66 31.34
CA GLY A 88 2.69 2.03 30.90
C GLY A 88 1.87 2.74 31.94
N ILE A 89 2.02 4.06 32.03
CA ILE A 89 1.23 4.88 32.94
C ILE A 89 0.38 5.85 32.13
N ILE A 90 -0.93 5.58 32.04
CA ILE A 90 -1.82 6.43 31.25
C ILE A 90 -1.82 7.86 31.80
N HIS A 91 -1.72 8.82 30.89
CA HIS A 91 -1.67 10.24 31.25
C HIS A 91 -3.05 10.78 31.64
N LYS A 92 -3.06 11.89 32.38
CA LYS A 92 -4.31 12.44 32.95
C LYS A 92 -4.90 13.58 32.14
N ASN A 93 -4.24 13.98 31.06
CA ASN A 93 -4.70 15.09 30.25
C ASN A 93 -5.92 14.72 29.39
N MET A 94 -6.99 14.31 30.08
CA MET A 94 -8.22 13.86 29.45
C MET A 94 -9.30 13.75 30.54
N GLY A 95 -10.57 13.68 30.16
CA GLY A 95 -11.64 13.52 31.15
C GLY A 95 -11.46 12.32 32.05
N ILE A 96 -12.07 12.33 33.23
CA ILE A 96 -11.95 11.21 34.17
C ILE A 96 -12.43 9.90 33.56
N GLU A 97 -13.62 9.92 32.94
CA GLU A 97 -14.19 8.70 32.37
C GLU A 97 -13.39 8.22 31.17
N GLN A 98 -12.73 9.14 30.48
CA GLN A 98 -11.90 8.80 29.35
C GLN A 98 -10.65 8.04 29.82
N GLN A 99 -9.99 8.56 30.85
CA GLN A 99 -8.80 7.93 31.41
C GLN A 99 -9.11 6.53 31.97
N ALA A 100 -10.27 6.38 32.61
CA ALA A 100 -10.66 5.10 33.17
C ALA A 100 -10.97 4.10 32.05
N ALA A 101 -11.60 4.57 30.98
CA ALA A 101 -11.87 3.73 29.80
C ALA A 101 -10.59 3.25 29.09
N GLU A 102 -9.53 4.06 29.15
CA GLU A 102 -8.22 3.60 28.68
C GLU A 102 -7.68 2.47 29.57
N VAL A 103 -7.79 2.64 30.88
CA VAL A 103 -7.40 1.60 31.83
C VAL A 103 -8.20 0.32 31.57
N ARG A 104 -9.48 0.47 31.32
CA ARG A 104 -10.32 -0.67 30.94
C ARG A 104 -9.79 -1.38 29.71
N LYS A 105 -9.46 -0.61 28.67
CA LYS A 105 -8.96 -1.20 27.43
C LYS A 105 -7.77 -2.12 27.70
N VAL A 106 -6.82 -1.64 28.48
CA VAL A 106 -5.60 -2.39 28.73
C VAL A 106 -5.90 -3.62 29.58
N LYS A 107 -6.73 -3.44 30.60
CA LYS A 107 -7.05 -4.51 31.52
C LYS A 107 -7.91 -5.61 30.90
N LYS A 108 -8.63 -5.28 29.84
CA LYS A 108 -9.50 -6.24 29.17
C LYS A 108 -8.91 -6.79 27.86
N HIS A 109 -7.68 -6.42 27.52
CA HIS A 109 -7.10 -6.77 26.22
C HIS A 109 -6.57 -8.21 26.11
N GLU A 110 -7.05 -8.94 25.10
CA GLU A 110 -6.47 -10.21 24.70
C GLU A 110 -5.77 -10.04 23.37
N THR A 111 -4.69 -10.79 23.16
CA THR A 111 -4.01 -10.70 21.87
C THR A 111 -4.81 -11.35 20.76
N ALA A 112 -4.44 -10.97 19.55
CA ALA A 112 -5.37 -10.32 18.61
C ALA A 112 -6.87 -10.60 18.66
N ILE A 113 -7.54 -10.02 19.64
CA ILE A 113 -9.00 -9.99 19.63
C ILE A 113 -9.47 -8.54 19.71
N VAL A 114 -10.25 -8.16 18.71
CA VAL A 114 -11.09 -6.97 18.80
C VAL A 114 -12.26 -7.41 19.63
N ARG A 115 -12.37 -6.95 20.87
CA ARG A 115 -13.52 -7.38 21.68
C ARG A 115 -14.71 -6.43 21.58
N ASP A 116 -14.62 -5.44 20.70
CA ASP A 116 -15.71 -4.50 20.49
C ASP A 116 -15.66 -4.04 19.03
N PRO A 117 -15.83 -4.98 18.09
CA PRO A 117 -15.73 -4.71 16.67
C PRO A 117 -16.89 -3.85 16.21
N VAL A 118 -16.73 -3.13 15.11
CA VAL A 118 -17.84 -2.36 14.56
C VAL A 118 -18.86 -3.35 14.01
N THR A 119 -20.14 -3.13 14.29
CA THR A 119 -21.18 -4.08 13.88
C THR A 119 -22.23 -3.41 12.99
N VAL A 120 -23.10 -4.25 12.41
CA VAL A 120 -24.30 -3.81 11.73
C VAL A 120 -25.45 -4.70 12.17
N THR A 121 -26.57 -4.61 11.47
CA THR A 121 -27.85 -5.14 11.90
C THR A 121 -28.70 -5.48 10.66
N PRO A 122 -29.44 -6.61 10.70
CA PRO A 122 -30.17 -7.02 9.51
C PRO A 122 -30.82 -5.89 8.73
N SER A 123 -31.41 -4.93 9.44
CA SER A 123 -32.16 -3.85 8.79
C SER A 123 -31.33 -2.62 8.38
N THR A 124 -30.01 -2.63 8.58
CA THR A 124 -29.23 -1.46 8.16
C THR A 124 -29.12 -1.49 6.63
N LYS A 125 -29.50 -0.39 5.99
CA LYS A 125 -29.57 -0.34 4.53
C LYS A 125 -28.17 -0.43 3.97
N ILE A 126 -28.07 -0.88 2.73
CA ILE A 126 -26.77 -1.16 2.08
C ILE A 126 -26.02 0.14 1.76
N ILE A 127 -26.79 1.20 1.52
CA ILE A 127 -26.26 2.56 1.48
C ILE A 127 -25.42 2.88 2.73
N GLU A 128 -25.96 2.63 3.92
CA GLU A 128 -25.21 2.81 5.19
C GLU A 128 -23.96 1.93 5.27
N LEU A 129 -24.02 0.76 4.68
CA LEU A 129 -22.92 -0.20 4.78
C LEU A 129 -21.72 0.28 3.98
N LEU A 130 -21.96 0.61 2.71
CA LEU A 130 -20.92 1.20 1.86
C LEU A 130 -20.30 2.43 2.54
N GLN A 131 -21.16 3.27 3.11
CA GLN A 131 -20.72 4.46 3.84
C GLN A 131 -19.78 4.11 4.99
N MET A 132 -20.14 3.08 5.77
CA MET A 132 -19.43 2.80 7.02
C MET A 132 -17.99 2.47 6.65
N ALA A 133 -17.71 1.19 6.40
CA ALA A 133 -17.00 0.77 5.19
C ALA A 133 -15.81 1.63 4.71
N ARG A 134 -16.12 2.53 3.78
CA ARG A 134 -15.35 3.75 3.54
C ARG A 134 -14.81 4.50 4.78
N GLU A 135 -15.70 4.94 5.67
CA GLU A 135 -15.29 5.72 6.86
C GLU A 135 -14.23 4.98 7.71
N TYR A 136 -14.31 3.65 7.75
CA TYR A 136 -13.47 2.81 8.63
C TYR A 136 -12.22 2.24 7.97
N GLY A 137 -12.24 2.05 6.65
CA GLY A 137 -11.12 1.45 5.92
C GLY A 137 -11.08 -0.07 5.97
N PHE A 138 -12.16 -0.68 6.45
CA PHE A 138 -12.38 -2.13 6.29
C PHE A 138 -13.83 -2.43 5.99
N SER A 139 -14.07 -3.64 5.52
CA SER A 139 -15.36 -4.02 4.94
C SER A 139 -16.11 -5.12 5.68
N GLY A 140 -15.46 -5.78 6.66
CA GLY A 140 -16.06 -6.92 7.38
C GLY A 140 -16.82 -6.52 8.63
N PHE A 141 -18.10 -6.87 8.69
CA PHE A 141 -18.99 -6.46 9.79
C PHE A 141 -19.86 -7.60 10.30
N PRO A 142 -19.78 -7.91 11.60
CA PRO A 142 -20.74 -8.85 12.14
C PRO A 142 -22.11 -8.24 12.20
N VAL A 143 -23.14 -9.04 11.92
CA VAL A 143 -24.53 -8.58 11.95
C VAL A 143 -25.08 -9.08 13.26
N VAL A 144 -25.60 -8.17 14.08
CA VAL A 144 -26.11 -8.52 15.41
C VAL A 144 -27.51 -8.00 15.63
N GLU A 145 -28.14 -8.52 16.67
CA GLU A 145 -29.43 -8.03 17.12
C GLU A 145 -29.49 -8.06 18.64
N GLN A 146 -29.34 -6.87 19.24
CA GLN A 146 -29.30 -6.72 20.68
C GLN A 146 -28.32 -7.71 21.28
N GLY A 147 -27.10 -7.73 20.73
CA GLY A 147 -26.03 -8.57 21.26
C GLY A 147 -25.95 -9.98 20.70
N GLU A 148 -27.11 -10.53 20.29
CA GLU A 148 -27.19 -11.85 19.65
C GLU A 148 -26.54 -11.78 18.29
N LEU A 149 -25.70 -12.77 17.98
CA LEU A 149 -25.10 -12.90 16.65
C LEU A 149 -26.13 -13.48 15.70
N VAL A 150 -26.32 -12.85 14.54
CA VAL A 150 -27.31 -13.37 13.57
C VAL A 150 -26.82 -13.52 12.15
N GLY A 151 -25.62 -13.04 11.86
CA GLY A 151 -25.06 -13.14 10.51
C GLY A 151 -23.79 -12.34 10.37
N ILE A 152 -23.21 -12.32 9.17
CA ILE A 152 -22.02 -11.51 8.86
C ILE A 152 -22.03 -11.09 7.39
N VAL A 153 -21.51 -9.89 7.12
CA VAL A 153 -21.33 -9.37 5.75
C VAL A 153 -19.88 -8.96 5.55
N THR A 154 -19.36 -9.15 4.34
CA THR A 154 -18.02 -8.68 4.00
C THR A 154 -17.95 -8.16 2.57
N GLY A 155 -16.73 -7.89 2.10
CA GLY A 155 -16.52 -7.34 0.76
C GLY A 155 -17.12 -8.16 -0.37
N ARG A 156 -17.10 -9.47 -0.22
CA ARG A 156 -17.61 -10.37 -1.24
C ARG A 156 -19.13 -10.26 -1.36
N ASP A 157 -19.78 -10.16 -0.21
CA ASP A 157 -21.22 -10.01 -0.13
C ASP A 157 -21.76 -8.74 -0.84
N LEU A 158 -20.88 -7.77 -1.05
CA LEU A 158 -21.26 -6.45 -1.57
C LEU A 158 -20.99 -6.23 -3.06
N ARG A 159 -20.55 -7.28 -3.77
CA ARG A 159 -20.24 -7.17 -5.20
C ARG A 159 -21.44 -7.36 -6.13
N VAL A 160 -22.57 -6.73 -5.79
CA VAL A 160 -23.70 -6.57 -6.70
C VAL A 160 -24.92 -6.03 -5.94
N LYS A 161 -25.55 -5.00 -6.51
CA LYS A 161 -26.79 -4.44 -5.97
C LYS A 161 -27.99 -5.28 -6.42
N PRO A 162 -28.72 -5.94 -5.47
CA PRO A 162 -29.91 -6.72 -5.86
C PRO A 162 -31.04 -5.75 -6.25
N ASN A 163 -30.93 -4.56 -5.67
CA ASN A 163 -30.62 -3.32 -6.43
C ASN A 163 -30.76 -1.99 -5.67
N ALA A 164 -30.81 -2.08 -4.34
CA ALA A 164 -30.60 -0.96 -3.44
C ALA A 164 -31.77 0.01 -3.27
N GLY A 165 -32.87 -0.57 -2.81
CA GLY A 165 -33.54 -0.06 -1.60
C GLY A 165 -33.65 -1.32 -0.72
N ASP A 166 -32.52 -1.89 -0.30
CA ASP A 166 -32.55 -3.16 0.46
C ASP A 166 -31.39 -3.28 1.45
N THR A 167 -31.45 -4.30 2.30
CA THR A 167 -30.73 -4.29 3.57
C THR A 167 -29.68 -5.40 3.69
N VAL A 168 -28.95 -5.40 4.80
CA VAL A 168 -27.89 -6.38 5.03
C VAL A 168 -28.45 -7.79 5.16
N ALA A 169 -29.68 -7.91 5.69
CA ALA A 169 -30.40 -9.20 5.69
C ALA A 169 -30.34 -9.88 4.31
N ALA A 170 -30.36 -9.10 3.25
CA ALA A 170 -30.48 -9.64 1.90
C ALA A 170 -29.18 -10.25 1.36
N ILE A 171 -28.03 -9.69 1.72
CA ILE A 171 -26.72 -10.16 1.21
C ILE A 171 -25.82 -10.87 2.24
N MET A 172 -26.16 -10.77 3.51
CA MET A 172 -25.32 -11.34 4.55
C MET A 172 -25.30 -12.86 4.51
N THR A 173 -24.28 -13.42 5.16
CA THR A 173 -24.19 -14.86 5.39
C THR A 173 -25.06 -15.18 6.59
N PRO A 174 -26.01 -16.11 6.43
CA PRO A 174 -27.00 -16.33 7.48
C PRO A 174 -26.47 -17.07 8.70
N LYS A 175 -27.21 -16.99 9.80
CA LYS A 175 -26.79 -17.55 11.08
C LYS A 175 -26.41 -19.03 10.99
N ASP A 176 -27.19 -19.83 10.24
CA ASP A 176 -26.99 -21.28 10.19
C ASP A 176 -25.61 -21.65 9.67
N LYS A 177 -25.11 -20.86 8.72
CA LYS A 177 -23.71 -20.94 8.36
C LYS A 177 -22.90 -20.33 9.53
N LEU A 178 -21.89 -19.52 9.29
CA LEU A 178 -21.15 -18.89 10.40
C LEU A 178 -20.27 -19.90 11.15
N VAL A 179 -18.96 -19.75 10.96
CA VAL A 179 -17.97 -20.40 11.76
C VAL A 179 -17.81 -19.56 13.01
N THR A 180 -17.92 -20.19 14.17
CA THR A 180 -17.76 -19.49 15.45
C THR A 180 -16.81 -20.23 16.40
N ALA A 181 -16.21 -19.47 17.30
CA ALA A 181 -15.38 -20.02 18.35
C ALA A 181 -15.90 -19.44 19.65
N ARG A 182 -15.83 -20.23 20.71
CA ARG A 182 -16.24 -19.74 22.01
C ARG A 182 -15.16 -18.80 22.54
N GLU A 183 -15.52 -17.90 23.45
CA GLU A 183 -14.55 -16.96 24.00
C GLU A 183 -13.56 -17.69 24.90
N GLY A 184 -12.29 -17.38 24.71
CA GLY A 184 -11.19 -18.05 25.41
C GLY A 184 -10.60 -19.25 24.67
N THR A 185 -10.86 -19.35 23.37
CA THR A 185 -10.32 -20.45 22.57
C THR A 185 -8.96 -20.04 22.06
N PRO A 186 -7.96 -20.96 22.11
CA PRO A 186 -6.63 -20.68 21.60
C PRO A 186 -6.64 -20.26 20.14
N LEU A 187 -5.74 -19.36 19.76
CA LEU A 187 -5.67 -18.86 18.39
C LEU A 187 -5.37 -19.97 17.36
N GLU A 188 -4.67 -21.02 17.77
CA GLU A 188 -4.32 -22.12 16.86
C GLU A 188 -5.56 -22.85 16.37
N GLU A 189 -6.35 -23.38 17.30
CA GLU A 189 -7.64 -23.98 16.96
C GLU A 189 -8.39 -23.01 16.09
N MET A 190 -8.29 -21.74 16.47
CA MET A 190 -8.97 -20.64 15.80
C MET A 190 -8.39 -20.39 14.40
N LYS A 191 -7.08 -20.46 14.28
CA LYS A 191 -6.44 -20.33 12.96
C LYS A 191 -6.88 -21.49 12.09
N ALA A 192 -6.75 -22.70 12.63
CA ALA A 192 -7.11 -23.93 11.91
C ALA A 192 -8.49 -23.92 11.23
N LYS A 193 -9.51 -23.40 11.93
CA LYS A 193 -10.87 -23.40 11.37
C LYS A 193 -11.06 -22.36 10.27
N LEU A 194 -10.41 -21.22 10.41
CA LEU A 194 -10.42 -20.21 9.36
C LEU A 194 -9.89 -20.78 8.05
N TYR A 195 -8.72 -21.39 8.08
CA TYR A 195 -8.13 -21.98 6.88
C TYR A 195 -8.98 -23.09 6.30
N GLU A 196 -9.54 -23.95 7.17
CA GLU A 196 -10.20 -25.15 6.68
C GLU A 196 -11.52 -24.82 6.03
N ASN A 197 -12.15 -23.75 6.51
CA ASN A 197 -13.33 -23.20 5.87
C ASN A 197 -12.97 -22.11 4.84
N ARG A 198 -11.68 -21.90 4.63
CA ARG A 198 -11.17 -20.93 3.67
C ARG A 198 -11.79 -19.54 3.80
N ILE A 199 -11.86 -19.04 5.04
CA ILE A 199 -12.46 -17.72 5.37
C ILE A 199 -11.46 -16.86 6.17
N GLU A 200 -11.73 -15.56 6.28
CA GLU A 200 -10.75 -14.60 6.86
C GLU A 200 -11.11 -14.07 8.26
N LYS A 201 -12.35 -14.30 8.71
CA LYS A 201 -12.85 -13.73 9.96
C LYS A 201 -13.30 -14.83 10.92
N MET A 202 -12.96 -14.69 12.20
CA MET A 202 -13.51 -15.60 13.22
C MET A 202 -14.36 -14.79 14.19
N LEU A 203 -15.60 -15.25 14.39
CA LEU A 203 -16.52 -14.62 15.28
C LEU A 203 -16.48 -15.34 16.61
N VAL A 204 -16.17 -14.61 17.67
CA VAL A 204 -16.16 -15.19 19.00
C VAL A 204 -17.54 -15.04 19.59
N VAL A 205 -18.07 -16.12 20.15
CA VAL A 205 -19.39 -16.11 20.76
C VAL A 205 -19.33 -16.73 22.15
N ASP A 206 -20.39 -16.50 22.93
CA ASP A 206 -20.51 -17.09 24.26
C ASP A 206 -21.57 -18.19 24.22
N GLU A 207 -21.93 -18.70 25.40
CA GLU A 207 -22.85 -19.85 25.52
C GLU A 207 -24.31 -19.59 25.07
N ASN A 208 -24.66 -18.32 24.86
CA ASN A 208 -26.01 -17.93 24.35
C ASN A 208 -25.95 -17.41 22.92
N PHE A 209 -24.80 -17.56 22.28
CA PHE A 209 -24.54 -17.10 20.91
C PHE A 209 -24.51 -15.59 20.75
N TYR A 210 -24.26 -14.90 21.86
CA TYR A 210 -24.03 -13.46 21.84
C TYR A 210 -22.63 -13.20 21.38
N LEU A 211 -22.45 -12.14 20.59
CA LEU A 211 -21.15 -11.84 19.98
C LEU A 211 -20.20 -11.24 21.02
N ARG A 212 -19.07 -11.91 21.26
CA ARG A 212 -18.09 -11.42 22.24
C ARG A 212 -16.80 -10.91 21.62
N GLY A 213 -16.50 -11.27 20.38
CA GLY A 213 -15.29 -10.79 19.72
C GLY A 213 -15.19 -11.08 18.23
N LEU A 214 -14.28 -10.35 17.56
CA LEU A 214 -13.87 -10.62 16.17
C LEU A 214 -12.36 -10.87 16.15
N VAL A 215 -11.94 -11.91 15.42
CA VAL A 215 -10.52 -12.29 15.32
C VAL A 215 -10.16 -12.62 13.87
N THR A 216 -9.28 -11.82 13.28
CA THR A 216 -9.00 -11.95 11.85
C THR A 216 -7.78 -12.81 11.55
N PHE A 217 -7.77 -13.42 10.36
CA PHE A 217 -6.63 -14.20 9.90
C PHE A 217 -5.37 -13.34 9.88
N ARG A 218 -5.50 -12.12 9.40
CA ARG A 218 -4.38 -11.17 9.39
C ARG A 218 -3.84 -10.87 10.79
N ASP A 219 -4.73 -10.78 11.78
CA ASP A 219 -4.35 -10.49 13.16
C ASP A 219 -3.69 -11.68 13.86
N ILE A 220 -4.02 -12.89 13.44
CA ILE A 220 -3.39 -14.10 14.01
C ILE A 220 -1.98 -14.26 13.48
N GLU A 221 -1.80 -14.00 12.19
CA GLU A 221 -0.47 -14.08 11.57
C GLU A 221 0.50 -13.04 12.14
N LYS A 222 0.25 -12.56 13.36
CA LYS A 222 1.20 -11.66 14.02
C LYS A 222 1.00 -11.49 15.51
N ALA A 223 1.97 -12.01 16.25
CA ALA A 223 2.63 -11.13 17.23
C ALA A 223 3.02 -11.73 18.57
N LYS A 224 2.87 -13.04 18.73
CA LYS A 224 3.50 -13.75 19.83
C LYS A 224 2.79 -13.67 21.16
N THR A 225 2.56 -14.86 21.66
CA THR A 225 3.19 -15.30 22.89
C THR A 225 4.24 -14.31 23.39
N TYR A 226 3.82 -13.38 24.23
CA TYR A 226 4.75 -12.52 24.91
C TYR A 226 5.00 -13.18 26.26
N PRO A 227 6.00 -14.07 26.33
CA PRO A 227 6.15 -14.83 27.58
C PRO A 227 6.54 -13.91 28.77
N LEU A 228 7.12 -12.75 28.47
CA LEU A 228 7.46 -11.75 29.49
C LEU A 228 6.30 -10.83 29.92
N ALA A 229 5.16 -10.88 29.25
CA ALA A 229 4.03 -9.97 29.51
C ALA A 229 3.75 -9.82 31.01
N SER A 230 3.72 -8.58 31.48
CA SER A 230 3.47 -8.31 32.89
C SER A 230 1.99 -8.43 33.16
N LYS A 231 1.61 -9.43 33.96
CA LYS A 231 0.21 -9.73 34.23
C LYS A 231 -0.14 -9.72 35.72
N ASP A 232 -1.38 -9.38 36.02
CA ASP A 232 -1.92 -9.47 37.37
C ASP A 232 -2.33 -10.91 37.73
N GLU A 233 -2.76 -11.05 38.99
CA GLU A 233 -3.16 -12.33 39.58
C GLU A 233 -4.22 -13.03 38.73
N GLN A 234 -5.05 -12.24 38.06
CA GLN A 234 -6.10 -12.76 37.17
C GLN A 234 -5.66 -12.95 35.71
N GLY A 235 -4.37 -12.81 35.43
CA GLY A 235 -3.84 -12.99 34.08
C GLY A 235 -4.15 -11.87 33.10
N ARG A 236 -4.53 -10.70 33.62
CA ARG A 236 -4.79 -9.52 32.79
C ARG A 236 -3.54 -8.61 32.75
N LEU A 237 -3.37 -7.87 31.66
CA LEU A 237 -2.22 -6.96 31.50
C LEU A 237 -2.23 -5.82 32.51
N ARG A 238 -1.06 -5.53 33.11
CA ARG A 238 -0.96 -4.48 34.13
C ARG A 238 -0.91 -3.11 33.49
N VAL A 239 -1.53 -2.14 34.16
CA VAL A 239 -1.43 -0.74 33.75
C VAL A 239 -1.51 0.19 34.96
N GLY A 240 -0.84 1.34 34.87
CA GLY A 240 -0.96 2.39 35.87
C GLY A 240 -1.61 3.64 35.32
N ALA A 241 -1.93 4.57 36.20
CA ALA A 241 -2.47 5.86 35.78
C ALA A 241 -2.01 7.00 36.70
N ALA A 242 -1.78 8.15 36.08
CA ALA A 242 -1.36 9.34 36.81
C ALA A 242 -2.56 10.09 37.37
N VAL A 243 -2.34 10.76 38.49
CA VAL A 243 -3.28 11.71 39.06
C VAL A 243 -2.50 12.82 39.71
N GLY A 244 -3.08 14.02 39.73
CA GLY A 244 -2.43 15.17 40.33
C GLY A 244 -2.83 15.32 41.79
N THR A 245 -2.80 16.56 42.26
CA THR A 245 -3.34 16.90 43.56
C THR A 245 -4.48 17.88 43.29
N GLY A 246 -5.50 17.88 44.12
CA GLY A 246 -6.55 18.86 43.93
C GLY A 246 -7.66 18.52 42.94
N ALA A 247 -8.71 19.33 43.08
CA ALA A 247 -10.02 18.87 43.58
C ALA A 247 -10.65 17.60 43.08
N ASP A 248 -10.43 17.25 41.82
CA ASP A 248 -11.11 16.07 41.29
C ASP A 248 -10.31 14.79 41.52
N THR A 249 -9.13 14.95 42.12
CA THR A 249 -8.22 13.83 42.33
C THR A 249 -8.86 12.64 43.03
N GLY A 250 -9.64 12.88 44.06
CA GLY A 250 -10.30 11.80 44.78
C GLY A 250 -11.29 11.09 43.89
N GLU A 251 -12.09 11.86 43.17
CA GLU A 251 -13.04 11.32 42.21
C GLU A 251 -12.31 10.58 41.10
N ARG A 252 -11.22 11.17 40.62
CA ARG A 252 -10.43 10.57 39.57
C ARG A 252 -9.86 9.23 40.00
N VAL A 253 -9.12 9.23 41.10
CA VAL A 253 -8.53 8.00 41.63
C VAL A 253 -9.58 6.90 41.79
N ALA A 254 -10.80 7.28 42.16
CA ALA A 254 -11.87 6.31 42.41
C ALA A 254 -12.30 5.59 41.15
N ALA A 255 -12.45 6.35 40.06
CA ALA A 255 -12.87 5.79 38.77
C ALA A 255 -11.76 4.91 38.18
N LEU A 256 -10.52 5.34 38.39
CA LEU A 256 -9.34 4.59 37.96
C LEU A 256 -9.19 3.27 38.72
N VAL A 257 -9.42 3.29 40.02
CA VAL A 257 -9.38 2.05 40.82
C VAL A 257 -10.57 1.14 40.47
N ALA A 258 -11.72 1.75 40.17
CA ALA A 258 -12.88 0.99 39.70
C ALA A 258 -12.61 0.36 38.34
N ALA A 259 -11.76 1.01 37.53
CA ALA A 259 -11.40 0.52 36.19
C ALA A 259 -10.49 -0.71 36.23
N GLY A 260 -9.87 -0.96 37.38
CA GLY A 260 -8.99 -2.11 37.56
C GLY A 260 -7.51 -1.78 37.49
N VAL A 261 -7.17 -0.48 37.46
CA VAL A 261 -5.78 -0.03 37.46
C VAL A 261 -4.96 -0.77 38.52
N ASP A 262 -3.75 -1.18 38.14
CA ASP A 262 -2.84 -1.88 39.05
C ASP A 262 -2.14 -0.94 40.03
N VAL A 263 -1.74 0.21 39.51
CA VAL A 263 -0.95 1.17 40.28
C VAL A 263 -1.41 2.59 39.98
N VAL A 264 -1.56 3.38 41.03
CA VAL A 264 -1.93 4.77 40.88
C VAL A 264 -0.69 5.62 41.13
N VAL A 265 -0.34 6.47 40.19
CA VAL A 265 0.85 7.32 40.33
C VAL A 265 0.46 8.77 40.67
N VAL A 266 0.86 9.24 41.85
CA VAL A 266 0.65 10.64 42.17
C VAL A 266 1.83 11.36 41.55
N ASP A 267 1.61 11.89 40.35
CA ASP A 267 2.67 12.44 39.51
C ASP A 267 2.66 13.96 39.57
N THR A 268 3.67 14.54 40.22
CA THR A 268 3.84 16.00 40.31
C THR A 268 5.28 16.45 40.14
N ALA A 269 5.43 17.76 39.93
CA ALA A 269 6.72 18.42 39.76
C ALA A 269 7.48 18.52 41.08
N HIS A 270 6.76 18.72 42.18
CA HIS A 270 7.37 18.81 43.51
C HIS A 270 6.74 17.80 44.47
N GLY A 271 7.31 16.60 44.51
CA GLY A 271 6.83 15.55 45.41
C GLY A 271 7.08 15.76 46.90
N HIS A 272 8.01 16.65 47.26
CA HIS A 272 8.37 16.85 48.67
C HIS A 272 7.56 18.02 49.23
N SER A 273 6.26 17.79 49.34
CA SER A 273 5.31 18.83 49.73
C SER A 273 4.13 18.25 50.52
N LYS A 274 3.51 19.09 51.34
CA LYS A 274 2.35 18.68 52.12
C LYS A 274 1.29 18.05 51.21
N GLY A 275 0.98 18.72 50.11
CA GLY A 275 -0.10 18.29 49.23
C GLY A 275 0.10 16.92 48.59
N VAL A 276 1.33 16.56 48.27
CA VAL A 276 1.63 15.28 47.61
C VAL A 276 1.68 14.15 48.63
N ILE A 277 2.38 14.40 49.73
CA ILE A 277 2.50 13.46 50.83
C ILE A 277 1.11 13.07 51.30
N GLU A 278 0.32 14.08 51.67
CA GLU A 278 -1.04 13.87 52.17
C GLU A 278 -1.89 13.04 51.21
N ARG A 279 -1.72 13.26 49.91
CA ARG A 279 -2.55 12.57 48.92
C ARG A 279 -2.11 11.13 48.74
N VAL A 280 -0.81 10.89 48.82
CA VAL A 280 -0.28 9.54 48.76
C VAL A 280 -0.80 8.74 49.93
N ARG A 281 -0.74 9.32 51.12
CA ARG A 281 -1.31 8.67 52.31
C ARG A 281 -2.80 8.42 52.11
N TRP A 282 -3.52 9.41 51.59
CA TRP A 282 -4.98 9.32 51.40
C TRP A 282 -5.37 8.18 50.50
N VAL A 283 -4.62 8.03 49.41
CA VAL A 283 -4.84 6.94 48.46
C VAL A 283 -4.57 5.59 49.10
N LYS A 284 -3.43 5.46 49.76
CA LYS A 284 -3.02 4.18 50.35
C LYS A 284 -3.87 3.76 51.55
N GLN A 285 -4.60 4.70 52.16
CA GLN A 285 -5.52 4.34 53.25
C GLN A 285 -6.98 4.20 52.79
N THR A 286 -7.31 4.70 51.61
CA THR A 286 -8.68 4.61 51.06
C THR A 286 -8.80 3.44 50.09
N PHE A 287 -7.77 3.19 49.28
CA PHE A 287 -7.83 2.10 48.33
C PHE A 287 -6.66 1.17 48.63
N PRO A 288 -6.86 0.24 49.57
CA PRO A 288 -5.77 -0.59 50.05
C PRO A 288 -5.32 -1.70 49.08
N ASP A 289 -6.11 -1.97 48.05
CA ASP A 289 -5.79 -3.02 47.07
C ASP A 289 -5.13 -2.52 45.77
N VAL A 290 -4.76 -1.25 45.74
CA VAL A 290 -3.90 -0.72 44.67
C VAL A 290 -2.52 -0.44 45.18
N GLN A 291 -1.61 -0.24 44.24
CA GLN A 291 -0.27 0.15 44.57
C GLN A 291 -0.15 1.64 44.26
N VAL A 292 0.61 2.36 45.07
CA VAL A 292 0.73 3.81 44.94
C VAL A 292 2.17 4.23 44.78
N ILE A 293 2.45 4.97 43.72
CA ILE A 293 3.76 5.56 43.53
C ILE A 293 3.64 7.04 43.83
N GLY A 294 4.67 7.59 44.45
CA GLY A 294 4.71 9.01 44.80
C GLY A 294 5.88 9.70 44.13
N GLY A 295 5.65 10.92 43.63
CA GLY A 295 6.69 11.59 42.92
C GLY A 295 6.61 13.05 42.54
N ASN A 296 7.36 13.26 41.48
CA ASN A 296 8.81 13.36 41.57
C ASN A 296 9.55 13.93 42.80
N ILE A 297 10.61 13.23 43.21
CA ILE A 297 11.54 13.65 44.27
C ILE A 297 13.03 13.54 43.83
N ALA A 298 13.93 14.17 44.58
CA ALA A 298 15.39 14.08 44.29
C ALA A 298 16.35 14.02 45.51
N THR A 299 15.81 14.00 46.73
CA THR A 299 16.65 13.98 47.95
C THR A 299 16.35 12.76 48.83
N ALA A 300 17.22 12.52 49.83
CA ALA A 300 17.04 11.40 50.74
C ALA A 300 15.85 11.66 51.65
N GLU A 301 15.70 12.92 52.08
CA GLU A 301 14.65 13.32 53.03
C GLU A 301 13.28 13.17 52.41
N ALA A 302 13.15 13.61 51.16
CA ALA A 302 11.93 13.42 50.39
C ALA A 302 11.57 11.93 50.34
N ALA A 303 12.55 11.08 50.08
CA ALA A 303 12.31 9.64 49.96
C ALA A 303 11.72 9.05 51.23
N LYS A 304 12.34 9.38 52.35
CA LYS A 304 11.86 8.93 53.66
C LYS A 304 10.43 9.39 53.96
N ALA A 305 10.06 10.58 53.45
CA ALA A 305 8.74 11.16 53.67
C ALA A 305 7.67 10.34 52.96
N LEU A 306 7.94 9.99 51.70
CA LEU A 306 6.98 9.21 50.91
C LEU A 306 6.91 7.76 51.42
N ALA A 307 8.03 7.20 51.82
CA ALA A 307 8.03 5.88 52.39
C ALA A 307 7.11 5.89 53.63
N GLU A 308 7.32 6.86 54.53
CA GLU A 308 6.49 6.97 55.74
C GLU A 308 5.00 7.11 55.42
N ALA A 309 4.67 7.91 54.42
CA ALA A 309 3.29 8.09 53.98
C ALA A 309 2.69 6.80 53.42
N GLY A 310 3.53 5.83 53.09
CA GLY A 310 3.09 4.49 52.68
C GLY A 310 3.23 4.20 51.19
N ALA A 311 4.05 4.99 50.50
CA ALA A 311 4.29 4.83 49.07
C ALA A 311 4.83 3.44 48.76
N ASP A 312 4.27 2.80 47.75
CA ASP A 312 4.72 1.46 47.35
C ASP A 312 5.92 1.54 46.46
N ALA A 313 6.11 2.70 45.83
CA ALA A 313 7.32 3.05 45.07
C ALA A 313 7.52 4.55 45.09
N VAL A 314 8.75 4.97 44.83
CA VAL A 314 9.12 6.38 44.84
C VAL A 314 9.69 6.73 43.46
N LYS A 315 9.32 7.86 42.87
CA LYS A 315 9.82 8.24 41.54
C LYS A 315 10.78 9.41 41.60
N VAL A 316 11.93 9.26 40.95
CA VAL A 316 13.09 10.15 41.13
C VAL A 316 13.36 10.97 39.88
N GLY A 317 13.39 12.31 40.00
CA GLY A 317 13.63 13.17 38.85
C GLY A 317 13.12 14.61 38.94
N ILE A 318 14.02 15.52 39.31
CA ILE A 318 13.70 16.95 39.31
C ILE A 318 14.76 17.75 38.54
N GLY A 319 14.32 18.39 37.46
CA GLY A 319 15.23 19.06 36.55
C GLY A 319 16.36 18.18 36.07
N PRO A 320 16.04 16.93 35.67
CA PRO A 320 17.08 16.00 35.23
C PRO A 320 17.57 16.27 33.81
N GLY A 321 16.93 17.19 33.09
CA GLY A 321 17.35 17.59 31.75
C GLY A 321 18.01 18.95 31.66
N SER A 322 19.22 18.97 31.11
CA SER A 322 20.04 20.18 30.95
C SER A 322 19.33 21.39 30.35
N ILE A 323 18.34 21.19 29.49
CA ILE A 323 17.61 22.32 28.93
C ILE A 323 16.22 22.43 29.53
N CYS A 324 15.81 21.45 30.33
CA CYS A 324 14.42 21.35 30.81
C CYS A 324 13.97 22.64 31.52
N THR A 325 12.66 22.91 31.50
CA THR A 325 12.17 24.18 32.03
C THR A 325 12.36 24.34 33.53
N THR A 326 12.30 23.25 34.28
CA THR A 326 12.52 23.33 35.72
C THR A 326 13.86 24.01 36.04
N ARG A 327 14.93 23.53 35.42
CA ARG A 327 16.25 24.14 35.57
C ARG A 327 16.26 25.58 35.13
N ILE A 328 15.66 25.88 33.99
CA ILE A 328 15.85 27.16 33.34
C ILE A 328 14.89 28.22 33.82
N VAL A 329 13.60 27.88 33.94
CA VAL A 329 12.61 28.85 34.42
C VAL A 329 12.67 29.07 35.95
N ALA A 330 13.10 28.07 36.70
CA ALA A 330 13.10 28.11 38.17
C ALA A 330 14.49 27.93 38.85
N GLY A 331 15.49 27.49 38.10
CA GLY A 331 16.86 27.39 38.62
C GLY A 331 16.99 26.27 39.61
N VAL A 332 16.17 25.23 39.41
CA VAL A 332 16.02 24.14 40.37
C VAL A 332 16.31 22.83 39.68
N GLY A 333 16.96 21.93 40.42
CA GLY A 333 17.22 20.60 39.92
C GLY A 333 18.37 19.89 40.61
N VAL A 334 18.41 18.57 40.42
CA VAL A 334 19.52 17.75 40.90
C VAL A 334 19.93 16.74 39.83
N PRO A 335 21.19 16.79 39.36
CA PRO A 335 21.68 15.86 38.35
C PRO A 335 21.32 14.42 38.69
N GLN A 336 20.84 13.69 37.71
CA GLN A 336 20.06 12.50 37.98
C GLN A 336 20.89 11.42 38.67
N ILE A 337 22.14 11.25 38.27
CA ILE A 337 22.96 10.17 38.81
C ILE A 337 23.12 10.28 40.34
N SER A 338 23.30 11.50 40.84
CA SER A 338 23.43 11.71 42.29
C SER A 338 22.09 11.68 43.02
N ALA A 339 21.04 12.13 42.35
CA ALA A 339 19.68 12.05 42.88
C ALA A 339 19.30 10.58 43.14
N ILE A 340 19.37 9.78 42.09
CA ILE A 340 19.09 8.35 42.18
C ILE A 340 19.87 7.69 43.33
N ALA A 341 21.17 7.95 43.38
CA ALA A 341 22.05 7.32 44.37
C ALA A 341 21.69 7.78 45.75
N ASN A 342 21.35 9.06 45.89
CA ASN A 342 21.05 9.62 47.20
C ASN A 342 19.74 9.04 47.71
N VAL A 343 18.80 8.85 46.79
CA VAL A 343 17.53 8.20 47.11
C VAL A 343 17.73 6.71 47.39
N ALA A 344 18.48 6.01 46.54
CA ALA A 344 18.78 4.59 46.75
C ALA A 344 19.23 4.34 48.16
N ALA A 345 20.27 5.06 48.57
CA ALA A 345 20.88 4.97 49.89
C ALA A 345 19.87 5.18 51.01
N ALA A 346 18.97 6.13 50.79
CA ALA A 346 17.93 6.45 51.77
C ALA A 346 16.95 5.28 51.97
N LEU A 347 16.51 4.66 50.89
CA LEU A 347 15.50 3.59 50.97
C LEU A 347 16.07 2.19 51.32
N GLU A 348 17.39 2.07 51.42
CA GLU A 348 18.06 0.82 51.83
C GLU A 348 17.17 -0.35 52.33
N GLY A 349 16.82 -0.34 53.61
CA GLY A 349 16.20 -1.53 54.22
C GLY A 349 14.70 -1.58 54.12
N THR A 350 14.11 -0.75 53.26
CA THR A 350 12.69 -0.55 53.28
C THR A 350 11.97 -1.53 52.38
N GLY A 351 12.58 -1.89 51.28
CA GLY A 351 11.87 -2.67 50.28
C GLY A 351 11.08 -1.81 49.32
N VAL A 352 11.10 -0.49 49.52
CA VAL A 352 10.45 0.47 48.62
C VAL A 352 11.35 0.73 47.42
N PRO A 353 10.91 0.34 46.20
CA PRO A 353 11.68 0.59 44.98
C PRO A 353 11.73 2.05 44.54
N LEU A 354 12.66 2.37 43.65
CA LEU A 354 12.75 3.72 43.07
C LEU A 354 12.82 3.69 41.56
N ILE A 355 12.11 4.61 40.91
CA ILE A 355 12.05 4.67 39.47
C ILE A 355 12.77 5.92 39.00
N ALA A 356 13.58 5.82 37.95
CA ALA A 356 14.40 6.95 37.53
C ALA A 356 13.71 7.67 36.42
N ASP A 357 13.25 8.89 36.68
CA ASP A 357 12.37 9.57 35.72
C ASP A 357 12.97 10.88 35.16
N GLY A 358 13.66 10.74 34.04
CA GLY A 358 14.10 11.86 33.23
C GLY A 358 15.56 11.79 32.87
N GLY A 359 15.91 12.47 31.77
CA GLY A 359 17.29 12.73 31.42
C GLY A 359 18.05 11.66 30.65
N ILE A 360 17.35 10.60 30.22
CA ILE A 360 18.00 9.48 29.52
C ILE A 360 17.81 9.63 28.05
N ARG A 361 18.93 9.67 27.31
CA ARG A 361 18.92 9.89 25.87
C ARG A 361 19.53 8.72 25.07
N PHE A 362 20.33 7.89 25.74
CA PHE A 362 20.91 6.70 25.14
C PHE A 362 20.75 5.53 26.10
N SER A 363 20.89 4.31 25.59
CA SER A 363 20.82 3.10 26.43
C SER A 363 21.95 2.99 27.43
N GLY A 364 23.08 3.64 27.17
CA GLY A 364 24.17 3.68 28.16
C GLY A 364 23.72 4.35 29.45
N ASP A 365 22.95 5.41 29.27
CA ASP A 365 22.36 6.13 30.39
C ASP A 365 21.49 5.22 31.23
N LEU A 366 20.69 4.38 30.58
CA LEU A 366 19.80 3.47 31.29
C LEU A 366 20.60 2.51 32.21
N ALA A 367 21.71 1.99 31.71
CA ALA A 367 22.57 1.15 32.52
C ALA A 367 23.17 1.91 33.69
N LYS A 368 23.54 3.16 33.44
CA LYS A 368 24.18 3.98 34.44
C LYS A 368 23.19 4.25 35.55
N ALA A 369 21.97 4.59 35.16
CA ALA A 369 20.92 4.81 36.15
C ALA A 369 20.77 3.57 37.03
N MET A 370 20.75 2.38 36.40
CA MET A 370 20.57 1.13 37.15
C MET A 370 21.67 0.94 38.16
N VAL A 371 22.91 1.12 37.75
CA VAL A 371 24.02 0.92 38.68
C VAL A 371 24.01 1.98 39.78
N ALA A 372 23.54 3.18 39.46
CA ALA A 372 23.34 4.24 40.44
C ALA A 372 22.33 3.86 41.53
N GLY A 373 21.39 2.97 41.24
CA GLY A 373 20.49 2.41 42.26
C GLY A 373 19.01 2.23 41.88
N ALA A 374 18.63 2.66 40.67
CA ALA A 374 17.26 2.53 40.20
C ALA A 374 16.85 1.05 40.08
N TYR A 375 15.57 0.78 40.32
CA TYR A 375 14.97 -0.53 40.07
C TYR A 375 14.48 -0.67 38.64
N CYS A 376 14.06 0.47 38.04
CA CYS A 376 13.67 0.53 36.62
C CYS A 376 13.59 1.99 36.21
N VAL A 377 13.48 2.28 34.92
CA VAL A 377 13.57 3.65 34.47
C VAL A 377 12.34 4.05 33.64
N MET A 378 11.82 5.24 33.91
CA MET A 378 10.73 5.80 33.15
C MET A 378 11.33 6.57 31.98
N MET A 379 10.70 6.47 30.81
CA MET A 379 11.14 7.24 29.63
C MET A 379 9.98 7.89 28.87
N GLY A 380 10.23 9.07 28.34
CA GLY A 380 9.21 9.81 27.64
C GLY A 380 9.55 9.90 26.19
N SER A 381 10.50 10.77 25.85
CA SER A 381 10.72 11.14 24.45
C SER A 381 11.29 9.98 23.62
N MET A 382 12.06 9.08 24.24
CA MET A 382 12.45 7.82 23.59
C MET A 382 11.25 7.18 22.82
N PHE A 383 10.13 7.03 23.54
CA PHE A 383 8.93 6.36 23.02
C PHE A 383 7.99 7.28 22.28
N ALA A 384 8.18 8.58 22.40
CA ALA A 384 7.22 9.56 21.90
C ALA A 384 7.00 9.52 20.39
N GLY A 385 8.00 9.12 19.62
CA GLY A 385 7.85 9.03 18.15
C GLY A 385 7.18 7.76 17.62
N THR A 386 6.95 6.81 18.53
CA THR A 386 6.63 5.43 18.20
C THR A 386 5.28 5.24 17.49
N GLU A 387 5.07 4.05 16.94
CA GLU A 387 3.84 3.72 16.18
C GLU A 387 2.64 3.59 17.11
N GLU A 388 2.92 3.19 18.35
CA GLU A 388 1.90 3.00 19.35
C GLU A 388 1.49 4.32 20.00
N ALA A 389 2.41 5.27 20.06
CA ALA A 389 2.13 6.54 20.71
C ALA A 389 1.00 7.31 19.98
N PRO A 390 0.30 8.20 20.70
CA PRO A 390 -0.90 8.88 20.22
C PRO A 390 -0.82 9.71 18.93
N GLY A 391 -1.67 9.36 17.96
CA GLY A 391 -2.01 10.26 16.87
C GLY A 391 -1.25 10.04 15.58
N GLU A 392 -1.91 10.39 14.46
CA GLU A 392 -1.28 10.51 13.14
C GLU A 392 -0.93 9.17 12.49
N PRO A 444 9.67 12.73 14.21
CA PRO A 444 10.35 11.57 13.63
C PRO A 444 9.70 10.24 14.01
N TYR A 445 8.79 9.76 13.16
CA TYR A 445 8.11 8.48 13.38
C TYR A 445 9.10 7.31 13.50
N LYS A 446 9.23 6.77 14.71
CA LYS A 446 10.26 5.77 15.02
C LYS A 446 9.85 4.32 14.74
N GLY A 447 8.70 4.10 14.11
CA GLY A 447 8.21 2.72 13.92
C GLY A 447 7.86 2.05 15.25
N ALA A 448 7.83 0.73 15.26
CA ALA A 448 7.31 -0.08 16.38
C ALA A 448 8.10 0.13 17.67
N LEU A 449 7.42 -0.08 18.80
CA LEU A 449 8.04 0.03 20.13
C LEU A 449 9.00 -1.14 20.36
N SER A 450 8.77 -2.26 19.64
CA SER A 450 9.62 -3.45 19.66
C SER A 450 11.09 -3.14 19.54
N ALA A 451 11.45 -2.42 18.46
CA ALA A 451 12.84 -2.13 18.11
C ALA A 451 13.52 -1.28 19.16
N ILE A 452 12.80 -0.27 19.65
CA ILE A 452 13.36 0.66 20.62
C ILE A 452 13.62 -0.09 21.93
N VAL A 453 12.61 -0.83 22.41
CA VAL A 453 12.73 -1.62 23.66
C VAL A 453 13.82 -2.69 23.54
N HIS A 454 13.91 -3.33 22.38
CA HIS A 454 14.95 -4.33 22.16
C HIS A 454 16.35 -3.70 22.22
N GLN A 455 16.53 -2.53 21.61
CA GLN A 455 17.83 -1.86 21.61
C GLN A 455 18.18 -1.40 23.00
N LEU A 456 17.19 -0.92 23.73
CA LEU A 456 17.41 -0.48 25.08
C LEU A 456 17.93 -1.62 25.94
N MET A 457 17.21 -2.73 25.93
CA MET A 457 17.61 -3.88 26.72
C MET A 457 18.91 -4.48 26.20
N GLY A 458 19.11 -4.43 24.88
CA GLY A 458 20.37 -4.86 24.27
C GLY A 458 21.56 -4.21 24.96
N GLY A 459 21.47 -2.91 25.17
CA GLY A 459 22.57 -2.15 25.74
C GLY A 459 22.72 -2.43 27.22
N LEU A 460 21.60 -2.58 27.92
CA LEU A 460 21.62 -2.97 29.32
C LEU A 460 22.35 -4.28 29.48
N ARG A 461 21.94 -5.27 28.71
CA ARG A 461 22.57 -6.58 28.75
C ARG A 461 24.08 -6.50 28.50
N ALA A 462 24.49 -5.74 27.48
CA ALA A 462 25.91 -5.48 27.21
C ALA A 462 26.63 -4.89 28.43
N ALA A 463 26.02 -3.86 29.02
CA ALA A 463 26.55 -3.25 30.24
C ALA A 463 26.68 -4.29 31.35
N MET A 464 25.69 -5.19 31.41
CA MET A 464 25.65 -6.22 32.46
C MET A 464 26.72 -7.27 32.18
N GLY A 465 26.96 -7.52 30.89
CA GLY A 465 28.04 -8.41 30.49
C GLY A 465 29.41 -7.88 30.89
N TYR A 466 29.67 -6.61 30.59
CA TYR A 466 30.96 -5.96 30.88
C TYR A 466 31.27 -5.97 32.36
N THR A 467 30.27 -5.66 33.18
CA THR A 467 30.44 -5.56 34.61
C THR A 467 30.38 -6.92 35.32
N GLY A 468 29.91 -7.95 34.62
CA GLY A 468 29.81 -9.28 35.19
C GLY A 468 28.66 -9.41 36.17
N SER A 469 27.61 -8.62 35.93
CA SER A 469 26.39 -8.68 36.74
C SER A 469 25.36 -9.65 36.12
N ALA A 470 25.13 -10.78 36.79
CA ALA A 470 24.22 -11.81 36.31
C ALA A 470 22.74 -11.43 36.36
N ASP A 471 22.39 -10.52 37.26
CA ASP A 471 21.00 -10.07 37.40
C ASP A 471 20.96 -8.65 37.87
N ILE A 472 19.77 -8.12 38.08
CA ILE A 472 19.64 -6.72 38.42
C ILE A 472 20.04 -6.39 39.87
N GLN A 473 19.66 -7.19 40.83
CA GLN A 473 20.13 -6.96 42.20
C GLN A 473 21.63 -6.69 42.22
N GLN A 474 22.36 -7.48 41.44
CA GLN A 474 23.82 -7.35 41.36
C GLN A 474 24.23 -6.09 40.65
N MET A 475 23.57 -5.79 39.53
CA MET A 475 23.88 -4.60 38.74
C MET A 475 23.71 -3.32 39.56
N ARG A 476 22.63 -3.25 40.32
CA ARG A 476 22.37 -2.12 41.20
C ARG A 476 23.36 -1.98 42.33
N THR A 477 23.93 -3.08 42.82
CA THR A 477 24.69 -3.02 44.07
C THR A 477 26.20 -3.19 43.95
N GLN A 478 26.70 -3.75 42.84
CA GLN A 478 28.12 -4.21 42.80
C GLN A 478 29.09 -3.42 41.91
N PRO A 479 28.72 -3.13 40.64
CA PRO A 479 29.67 -2.41 39.81
C PRO A 479 30.03 -1.01 40.31
N GLN A 480 31.02 -0.42 39.63
CA GLN A 480 31.59 0.85 40.03
C GLN A 480 31.65 1.82 38.86
N PHE A 481 31.74 3.11 39.17
CA PHE A 481 31.90 4.13 38.18
C PHE A 481 33.30 4.69 38.17
N VAL A 482 33.75 5.15 37.00
CA VAL A 482 34.80 6.14 36.95
C VAL A 482 34.14 7.49 36.69
N ARG A 483 34.65 8.51 37.37
CA ARG A 483 34.33 9.91 37.10
C ARG A 483 35.19 10.37 35.93
N ILE A 484 34.59 11.04 34.93
CA ILE A 484 35.34 11.59 33.78
C ILE A 484 35.19 13.13 33.69
N THR A 485 35.86 13.74 32.69
CA THR A 485 35.93 15.20 32.59
C THR A 485 35.38 15.81 31.30
N GLY A 486 35.70 15.22 30.16
CA GLY A 486 35.50 15.90 28.84
C GLY A 486 36.53 15.45 27.80
N MET B 21 19.61 31.81 -57.35
CA MET B 21 19.10 32.32 -56.04
C MET B 21 18.80 31.19 -55.03
N LEU B 22 18.60 31.55 -53.77
CA LEU B 22 18.35 30.56 -52.72
C LEU B 22 17.04 29.80 -52.97
N ARG B 23 17.06 28.50 -52.75
CA ARG B 23 15.98 27.62 -53.15
C ARG B 23 15.07 27.33 -51.97
N ILE B 24 14.06 28.18 -51.78
CA ILE B 24 13.04 28.00 -50.74
C ILE B 24 11.69 27.59 -51.29
N SER B 25 11.26 26.36 -51.03
CA SER B 25 10.04 25.88 -51.62
C SER B 25 8.81 26.52 -50.98
N GLN B 26 8.86 26.76 -49.68
CA GLN B 26 7.75 27.47 -48.98
C GLN B 26 8.10 27.79 -47.55
N GLU B 27 7.29 28.63 -46.93
CA GLU B 27 7.28 28.69 -45.48
C GLU B 27 6.40 27.55 -44.93
N ALA B 28 6.90 26.87 -43.89
CA ALA B 28 6.24 25.72 -43.28
C ALA B 28 5.94 26.02 -41.81
N LEU B 29 4.85 25.45 -41.32
CA LEU B 29 4.28 25.77 -40.02
C LEU B 29 4.26 24.57 -39.08
N THR B 30 4.59 24.82 -37.82
CA THR B 30 4.41 23.82 -36.78
C THR B 30 3.19 24.16 -35.93
N PHE B 31 2.91 23.32 -34.96
CA PHE B 31 1.71 23.44 -34.12
C PHE B 31 1.49 24.84 -33.54
N ASP B 32 2.52 25.38 -32.90
CA ASP B 32 2.42 26.70 -32.25
C ASP B 32 2.15 27.89 -33.21
N ASP B 33 2.28 27.65 -34.52
CA ASP B 33 2.03 28.69 -35.49
C ASP B 33 0.56 28.89 -35.79
N VAL B 34 -0.27 27.93 -35.39
CA VAL B 34 -1.68 27.95 -35.71
C VAL B 34 -2.58 27.70 -34.49
N LEU B 35 -3.80 28.26 -34.59
CA LEU B 35 -4.91 27.99 -33.69
C LEU B 35 -6.15 27.66 -34.52
N LEU B 36 -7.11 26.94 -33.95
CA LEU B 36 -8.34 26.60 -34.67
C LEU B 36 -9.43 27.67 -34.46
N ILE B 37 -10.14 28.01 -35.53
CA ILE B 37 -11.20 29.02 -35.50
C ILE B 37 -12.51 28.33 -35.16
N PRO B 38 -13.23 28.82 -34.14
CA PRO B 38 -14.52 28.21 -33.82
C PRO B 38 -15.52 28.38 -34.96
N GLY B 39 -16.44 27.44 -35.07
CA GLY B 39 -17.48 27.48 -36.11
C GLY B 39 -18.85 27.27 -35.53
N TYR B 40 -19.84 27.19 -36.40
CA TYR B 40 -21.20 26.92 -35.95
C TYR B 40 -21.28 25.49 -35.43
N SER B 41 -21.79 25.32 -34.20
CA SER B 41 -21.80 24.00 -33.55
C SER B 41 -23.15 23.60 -32.97
N GLU B 42 -23.65 22.44 -33.40
CA GLU B 42 -24.84 21.80 -32.82
C GLU B 42 -24.51 20.61 -31.90
N VAL B 43 -23.40 19.89 -32.15
CA VAL B 43 -23.07 18.72 -31.30
C VAL B 43 -22.19 19.09 -30.13
N LEU B 44 -22.46 18.41 -29.02
CA LEU B 44 -21.68 18.53 -27.80
C LEU B 44 -20.46 17.63 -27.86
N PRO B 45 -19.34 18.08 -27.28
CA PRO B 45 -18.08 17.32 -27.23
C PRO B 45 -18.26 15.86 -26.85
N LYS B 46 -19.04 15.59 -25.82
CA LYS B 46 -19.29 14.22 -25.37
C LYS B 46 -20.12 13.41 -26.37
N ASP B 47 -20.73 14.06 -27.35
CA ASP B 47 -21.57 13.36 -28.33
C ASP B 47 -20.95 13.21 -29.73
N VAL B 48 -19.75 13.71 -29.98
CA VAL B 48 -19.13 13.54 -31.30
C VAL B 48 -18.55 12.15 -31.49
N SER B 49 -18.21 11.83 -32.73
CA SER B 49 -17.71 10.52 -33.13
C SER B 49 -16.20 10.55 -33.34
N LEU B 50 -15.45 9.71 -32.63
CA LEU B 50 -13.99 9.69 -32.73
C LEU B 50 -13.48 8.57 -33.63
N LYS B 51 -14.37 7.79 -34.25
CA LYS B 51 -13.93 6.64 -35.06
C LYS B 51 -13.29 7.08 -36.37
N THR B 52 -12.18 6.39 -36.71
CA THR B 52 -11.39 6.68 -37.90
C THR B 52 -10.78 5.40 -38.50
N ARG B 53 -9.96 5.52 -39.55
CA ARG B 53 -9.16 4.37 -40.04
C ARG B 53 -7.69 4.59 -39.74
N LEU B 54 -6.99 3.50 -39.41
CA LEU B 54 -5.54 3.49 -39.22
C LEU B 54 -4.87 3.22 -40.56
N THR B 55 -5.31 2.15 -41.20
CA THR B 55 -4.88 1.82 -42.55
C THR B 55 -6.13 1.68 -43.37
N ARG B 56 -5.99 1.44 -44.68
CA ARG B 56 -7.18 1.35 -45.51
C ARG B 56 -8.08 0.21 -45.07
N GLY B 57 -7.48 -0.88 -44.59
CA GLY B 57 -8.24 -2.05 -44.11
C GLY B 57 -8.49 -2.12 -42.61
N ILE B 58 -7.98 -1.17 -41.82
CA ILE B 58 -8.15 -1.22 -40.37
C ILE B 58 -8.78 0.07 -39.80
N GLU B 59 -9.91 -0.10 -39.11
CA GLU B 59 -10.59 1.00 -38.43
C GLU B 59 -10.24 1.06 -36.95
N LEU B 60 -10.10 2.28 -36.43
CA LEU B 60 -9.98 2.53 -35.00
C LEU B 60 -11.20 3.25 -34.47
N ASN B 61 -11.36 3.24 -33.16
CA ASN B 61 -12.45 3.94 -32.49
C ASN B 61 -11.99 5.26 -31.92
N ILE B 62 -10.72 5.35 -31.56
CA ILE B 62 -10.10 6.63 -31.24
C ILE B 62 -8.81 6.76 -32.04
N PRO B 63 -8.50 7.97 -32.52
CA PRO B 63 -7.31 8.19 -33.36
C PRO B 63 -5.94 8.17 -32.64
N LEU B 64 -5.65 7.10 -31.91
CA LEU B 64 -4.41 7.01 -31.17
C LEU B 64 -3.55 5.82 -31.57
N VAL B 65 -2.23 6.03 -31.53
CA VAL B 65 -1.27 4.98 -31.80
C VAL B 65 -0.04 5.20 -30.89
N SER B 66 0.46 4.14 -30.28
CA SER B 66 1.71 4.23 -29.53
C SER B 66 2.91 3.97 -30.46
N ALA B 67 4.02 4.63 -30.18
CA ALA B 67 5.18 4.54 -31.06
C ALA B 67 5.95 3.22 -30.86
N ALA B 68 6.54 2.74 -31.95
CA ALA B 68 7.37 1.56 -31.94
C ALA B 68 8.74 1.87 -31.34
N MET B 69 8.77 2.14 -30.04
CA MET B 69 10.00 2.47 -29.33
C MET B 69 10.09 1.59 -28.11
N ASP B 70 11.32 1.17 -27.81
CA ASP B 70 11.62 0.24 -26.71
C ASP B 70 11.28 0.78 -25.32
N THR B 71 11.05 2.09 -25.23
CA THR B 71 10.62 2.74 -23.98
C THR B 71 9.09 2.88 -23.89
N VAL B 72 8.40 2.61 -25.00
CA VAL B 72 6.97 2.90 -25.12
C VAL B 72 6.10 1.62 -25.20
N THR B 73 6.30 0.84 -26.26
CA THR B 73 5.32 -0.19 -26.64
C THR B 73 5.84 -1.62 -26.66
N GLU B 74 5.48 -2.38 -25.63
CA GLU B 74 5.47 -3.84 -25.75
C GLU B 74 4.21 -4.41 -25.08
N ALA B 75 4.03 -5.73 -25.23
CA ALA B 75 2.91 -6.50 -24.66
C ALA B 75 1.90 -5.73 -23.82
N ARG B 76 2.32 -5.22 -22.68
CA ARG B 76 1.41 -4.62 -21.69
C ARG B 76 0.68 -3.39 -22.23
N LEU B 77 1.40 -2.53 -22.96
CA LEU B 77 0.85 -1.28 -23.47
C LEU B 77 0.15 -1.47 -24.83
N ALA B 78 0.58 -2.47 -25.60
CA ALA B 78 -0.03 -2.76 -26.90
C ALA B 78 -1.49 -3.20 -26.73
N ILE B 79 -1.70 -4.03 -25.70
CA ILE B 79 -3.01 -4.49 -25.25
C ILE B 79 -3.92 -3.35 -24.77
N ALA B 80 -3.37 -2.50 -23.90
CA ALA B 80 -4.09 -1.35 -23.34
C ALA B 80 -4.60 -0.41 -24.44
N MET B 81 -3.74 -0.10 -25.39
CA MET B 81 -4.13 0.72 -26.51
C MET B 81 -5.32 0.07 -27.21
N ALA B 82 -5.15 -1.18 -27.61
CA ALA B 82 -6.24 -1.97 -28.22
C ALA B 82 -7.55 -1.72 -27.50
N GLN B 83 -7.55 -1.97 -26.19
CA GLN B 83 -8.72 -1.85 -25.33
C GLN B 83 -9.30 -0.42 -25.23
N GLU B 84 -8.43 0.57 -25.20
CA GLU B 84 -8.87 1.97 -25.15
C GLU B 84 -9.56 2.44 -26.44
N GLY B 85 -9.41 1.64 -27.49
CA GLY B 85 -9.99 1.92 -28.81
C GLY B 85 -8.95 2.24 -29.86
N GLY B 86 -7.67 2.23 -29.48
CA GLY B 86 -6.60 2.49 -30.43
C GLY B 86 -5.87 1.23 -30.81
N ILE B 87 -4.63 1.40 -31.24
CA ILE B 87 -3.76 0.29 -31.61
C ILE B 87 -2.35 0.64 -31.11
N GLY B 88 -1.47 -0.34 -31.07
CA GLY B 88 -0.08 -0.14 -30.69
C GLY B 88 0.90 -0.84 -31.62
N ILE B 89 2.10 -0.24 -31.76
CA ILE B 89 3.19 -0.76 -32.60
C ILE B 89 4.35 -1.32 -31.72
N ILE B 90 4.59 -2.63 -31.80
CA ILE B 90 5.66 -3.24 -31.01
C ILE B 90 7.00 -2.88 -31.65
N HIS B 91 7.96 -2.54 -30.79
CA HIS B 91 9.28 -2.09 -31.24
C HIS B 91 10.12 -3.25 -31.75
N LYS B 92 11.09 -2.94 -32.61
CA LYS B 92 11.90 -3.97 -33.26
C LYS B 92 13.30 -4.12 -32.66
N ASN B 93 13.58 -3.38 -31.58
CA ASN B 93 14.86 -3.49 -30.86
C ASN B 93 14.89 -4.71 -29.90
N MET B 94 14.60 -5.88 -30.48
CA MET B 94 14.61 -7.18 -29.80
C MET B 94 14.74 -8.29 -30.85
N GLY B 95 14.80 -9.55 -30.43
CA GLY B 95 14.94 -10.66 -31.37
C GLY B 95 13.73 -10.82 -32.26
N ILE B 96 13.95 -11.27 -33.50
CA ILE B 96 12.85 -11.59 -34.41
C ILE B 96 11.81 -12.46 -33.70
N GLU B 97 12.31 -13.46 -32.98
CA GLU B 97 11.47 -14.42 -32.25
C GLU B 97 10.82 -13.74 -31.04
N GLN B 98 11.61 -12.92 -30.34
CA GLN B 98 11.19 -12.33 -29.07
C GLN B 98 10.07 -11.36 -29.29
N GLN B 99 10.15 -10.64 -30.42
CA GLN B 99 9.13 -9.71 -30.84
C GLN B 99 7.90 -10.46 -31.34
N ALA B 100 8.12 -11.57 -32.03
CA ALA B 100 7.01 -12.43 -32.42
C ALA B 100 6.22 -12.85 -31.18
N ALA B 101 6.95 -13.30 -30.15
CA ALA B 101 6.36 -13.66 -28.86
C ALA B 101 5.55 -12.51 -28.22
N GLU B 102 5.96 -11.26 -28.44
CA GLU B 102 5.18 -10.12 -27.97
C GLU B 102 3.87 -9.99 -28.73
N VAL B 103 3.88 -10.28 -30.04
CA VAL B 103 2.69 -10.16 -30.89
C VAL B 103 1.64 -11.25 -30.56
N ARG B 104 2.07 -12.51 -30.53
CA ARG B 104 1.17 -13.59 -30.11
C ARG B 104 0.58 -13.28 -28.73
N LYS B 105 1.41 -12.76 -27.83
CA LYS B 105 0.99 -12.47 -26.46
C LYS B 105 -0.24 -11.56 -26.46
N VAL B 106 -0.22 -10.54 -27.32
CA VAL B 106 -1.37 -9.63 -27.50
C VAL B 106 -2.52 -10.31 -28.24
N LYS B 107 -2.21 -11.03 -29.31
CA LYS B 107 -3.24 -11.68 -30.13
C LYS B 107 -3.98 -12.81 -29.42
N LYS B 108 -3.42 -13.31 -28.31
CA LYS B 108 -4.06 -14.37 -27.54
C LYS B 108 -4.88 -13.82 -26.38
N HIS B 109 -4.97 -12.51 -26.29
CA HIS B 109 -5.65 -11.81 -25.20
C HIS B 109 -7.07 -11.48 -25.65
N GLU B 110 -8.09 -11.86 -24.88
CA GLU B 110 -9.48 -11.60 -25.32
C GLU B 110 -9.78 -10.11 -25.19
N THR B 111 -10.53 -9.73 -24.17
CA THR B 111 -10.08 -8.73 -23.20
C THR B 111 -9.87 -9.61 -21.97
N ALA B 112 -10.97 -10.15 -21.43
CA ALA B 112 -10.87 -11.14 -20.38
C ALA B 112 -11.93 -12.24 -20.39
N ILE B 113 -11.81 -13.11 -21.37
CA ILE B 113 -11.59 -14.52 -21.08
C ILE B 113 -10.09 -14.65 -21.31
N VAL B 114 -9.37 -15.23 -20.35
CA VAL B 114 -7.95 -15.50 -20.55
C VAL B 114 -7.80 -16.87 -21.24
N ARG B 115 -7.36 -16.86 -22.49
CA ARG B 115 -7.07 -18.09 -23.23
C ARG B 115 -5.67 -18.59 -22.85
N ASP B 116 -5.48 -19.90 -22.79
CA ASP B 116 -4.21 -20.53 -22.35
C ASP B 116 -3.73 -20.05 -20.96
N PRO B 117 -4.48 -20.40 -19.89
CA PRO B 117 -4.05 -20.02 -18.54
C PRO B 117 -2.94 -20.91 -17.96
N VAL B 118 -2.11 -20.34 -17.09
CA VAL B 118 -1.07 -21.12 -16.40
C VAL B 118 -1.72 -22.17 -15.51
N THR B 119 -1.22 -23.42 -15.57
CA THR B 119 -1.80 -24.55 -14.83
C THR B 119 -0.81 -25.22 -13.89
N VAL B 120 -1.29 -26.20 -13.13
CA VAL B 120 -0.46 -26.98 -12.20
C VAL B 120 -0.99 -28.42 -12.11
N THR B 121 -0.34 -29.26 -11.29
CA THR B 121 -0.70 -30.69 -11.17
C THR B 121 -0.63 -31.19 -9.71
N PRO B 122 -1.43 -32.22 -9.37
CA PRO B 122 -1.35 -32.83 -8.05
C PRO B 122 -0.44 -34.03 -8.17
N SER B 123 0.71 -33.88 -7.53
CA SER B 123 1.98 -33.99 -8.21
C SER B 123 2.57 -32.65 -7.76
N THR B 124 2.88 -31.72 -8.69
CA THR B 124 3.73 -30.55 -8.38
C THR B 124 3.84 -30.19 -6.88
N LYS B 125 5.08 -30.09 -6.40
CA LYS B 125 5.36 -29.87 -4.98
C LYS B 125 4.83 -28.52 -4.51
N ILE B 126 4.50 -28.46 -3.22
CA ILE B 126 3.87 -27.30 -2.62
C ILE B 126 4.89 -26.18 -2.41
N ILE B 127 6.16 -26.57 -2.25
CA ILE B 127 7.25 -25.63 -2.07
C ILE B 127 7.41 -24.79 -3.34
N GLU B 128 7.21 -25.44 -4.49
CA GLU B 128 7.41 -24.82 -5.80
C GLU B 128 6.28 -23.87 -6.17
N LEU B 129 5.16 -23.96 -5.46
CA LEU B 129 3.93 -23.28 -5.87
C LEU B 129 4.11 -21.78 -5.61
N LEU B 130 3.76 -21.35 -4.41
CA LEU B 130 4.62 -20.50 -3.59
C LEU B 130 5.85 -19.87 -4.29
N GLN B 131 6.69 -20.69 -4.94
CA GLN B 131 7.82 -20.17 -5.70
C GLN B 131 7.43 -19.53 -7.03
N MET B 132 6.38 -20.04 -7.70
CA MET B 132 5.86 -19.46 -8.95
C MET B 132 5.51 -18.02 -8.60
N ALA B 133 4.21 -17.77 -8.63
CA ALA B 133 3.51 -17.42 -7.38
C ALA B 133 3.70 -16.03 -6.80
N ARG B 134 4.50 -15.22 -7.46
CA ARG B 134 5.53 -14.48 -6.74
C ARG B 134 6.42 -13.87 -7.82
N GLU B 135 6.61 -14.67 -8.87
CA GLU B 135 7.15 -14.20 -10.14
C GLU B 135 5.99 -13.91 -11.09
N TYR B 136 5.14 -14.91 -11.30
CA TYR B 136 4.00 -14.78 -12.24
C TYR B 136 3.09 -13.61 -11.85
N GLY B 137 2.97 -13.41 -10.53
CA GLY B 137 2.20 -12.32 -9.97
C GLY B 137 1.22 -12.98 -9.01
N PHE B 138 -0.05 -12.67 -9.22
CA PHE B 138 -1.15 -13.65 -9.18
C PHE B 138 -0.86 -15.11 -8.72
N SER B 139 -1.74 -15.61 -7.86
CA SER B 139 -1.85 -17.05 -7.53
C SER B 139 -3.11 -17.55 -8.24
N GLY B 140 -3.56 -18.75 -7.92
CA GLY B 140 -4.71 -19.31 -8.60
C GLY B 140 -4.23 -19.95 -9.89
N PHE B 141 -4.41 -21.27 -9.95
CA PHE B 141 -4.00 -22.06 -11.08
C PHE B 141 -4.97 -23.22 -11.25
N PRO B 142 -5.67 -23.29 -12.40
CA PRO B 142 -6.40 -24.52 -12.68
C PRO B 142 -5.48 -25.73 -12.62
N VAL B 143 -5.80 -26.70 -11.76
CA VAL B 143 -4.97 -27.91 -11.66
C VAL B 143 -5.35 -28.92 -12.75
N VAL B 144 -4.35 -29.34 -13.53
CA VAL B 144 -4.53 -30.24 -14.67
C VAL B 144 -3.58 -31.44 -14.56
N GLU B 145 -4.00 -32.61 -15.05
CA GLU B 145 -3.15 -33.80 -15.09
C GLU B 145 -2.52 -33.95 -16.48
N GLN B 146 -3.32 -34.33 -17.47
CA GLN B 146 -2.88 -34.44 -18.87
C GLN B 146 -4.01 -33.98 -19.79
N GLY B 147 -4.39 -32.72 -19.65
CA GLY B 147 -5.54 -32.16 -20.35
C GLY B 147 -6.74 -31.95 -19.44
N GLU B 148 -7.06 -32.98 -18.64
CA GLU B 148 -8.28 -32.96 -17.80
C GLU B 148 -8.14 -32.15 -16.51
N LEU B 149 -9.16 -31.32 -16.30
CA LEU B 149 -9.23 -30.43 -15.15
C LEU B 149 -9.58 -31.25 -13.90
N VAL B 150 -8.71 -31.22 -12.89
CA VAL B 150 -8.90 -32.04 -11.68
C VAL B 150 -9.08 -31.21 -10.40
N GLY B 151 -9.09 -29.89 -10.53
CA GLY B 151 -9.27 -29.02 -9.37
C GLY B 151 -8.88 -27.57 -9.62
N ILE B 152 -8.68 -26.83 -8.53
CA ILE B 152 -8.14 -25.46 -8.56
C ILE B 152 -7.36 -25.12 -7.26
N VAL B 153 -6.27 -24.35 -7.40
CA VAL B 153 -5.41 -23.93 -6.26
C VAL B 153 -5.15 -22.42 -6.24
N THR B 154 -5.67 -21.77 -5.22
CA THR B 154 -5.56 -20.32 -5.10
C THR B 154 -4.87 -19.94 -3.79
N GLY B 155 -4.68 -18.64 -3.61
CA GLY B 155 -4.02 -18.12 -2.42
C GLY B 155 -4.53 -18.63 -1.08
N ARG B 156 -5.84 -18.88 -0.97
CA ARG B 156 -6.41 -19.30 0.31
C ARG B 156 -6.00 -20.73 0.68
N ASP B 157 -5.74 -21.52 -0.34
CA ASP B 157 -5.33 -22.92 -0.16
C ASP B 157 -3.89 -23.05 0.34
N LEU B 158 -3.13 -21.97 0.20
CA LEU B 158 -1.68 -21.98 0.43
C LEU B 158 -1.23 -21.58 1.84
N ARG B 159 -2.07 -20.88 2.60
CA ARG B 159 -1.72 -20.47 3.97
C ARG B 159 -1.63 -21.66 4.95
N VAL B 160 -0.78 -22.64 4.63
CA VAL B 160 -0.65 -23.87 5.42
C VAL B 160 0.48 -24.77 4.89
N ASP B 166 2.48 -32.36 0.94
CA ASP B 166 3.64 -31.99 0.14
C ASP B 166 3.24 -31.63 -1.29
N THR B 167 2.33 -32.41 -1.87
CA THR B 167 1.79 -32.11 -3.21
C THR B 167 0.72 -31.05 -3.07
N VAL B 168 0.13 -30.63 -4.19
CA VAL B 168 -1.07 -29.78 -4.14
C VAL B 168 -2.30 -30.64 -3.87
N ALA B 169 -2.16 -31.96 -4.05
CA ALA B 169 -3.23 -32.92 -3.77
C ALA B 169 -3.93 -32.69 -2.44
N ALA B 170 -3.16 -32.31 -1.42
CA ALA B 170 -3.67 -32.16 -0.06
C ALA B 170 -4.47 -30.88 0.15
N ILE B 171 -4.10 -29.81 -0.54
CA ILE B 171 -4.62 -28.46 -0.26
C ILE B 171 -5.47 -27.83 -1.37
N MET B 172 -5.56 -28.46 -2.53
CA MET B 172 -6.34 -27.91 -3.67
C MET B 172 -7.84 -28.12 -3.49
N THR B 173 -8.62 -27.35 -4.24
CA THR B 173 -10.07 -27.52 -4.26
C THR B 173 -10.44 -28.46 -5.41
N PRO B 174 -11.00 -29.63 -5.09
CA PRO B 174 -11.21 -30.80 -5.96
C PRO B 174 -12.43 -30.76 -6.90
N LYS B 175 -12.41 -31.64 -7.91
CA LYS B 175 -13.40 -31.68 -9.00
C LYS B 175 -14.85 -31.75 -8.51
N ASP B 176 -15.15 -32.66 -7.59
CA ASP B 176 -16.51 -32.79 -7.06
C ASP B 176 -16.98 -31.54 -6.29
N LYS B 177 -16.26 -30.42 -6.42
CA LYS B 177 -16.62 -29.14 -5.78
C LYS B 177 -16.36 -27.89 -6.65
N LEU B 178 -16.01 -28.07 -7.92
CA LEU B 178 -15.63 -26.94 -8.77
C LEU B 178 -16.80 -26.21 -9.40
N VAL B 179 -16.66 -24.89 -9.55
CA VAL B 179 -17.70 -24.10 -10.19
C VAL B 179 -17.25 -23.74 -11.58
N THR B 180 -17.84 -24.43 -12.56
CA THR B 180 -17.48 -24.26 -13.95
C THR B 180 -18.66 -23.63 -14.68
N ALA B 181 -18.38 -23.04 -15.84
CA ALA B 181 -19.42 -22.61 -16.76
C ALA B 181 -19.01 -23.01 -18.18
N ARG B 182 -19.96 -23.56 -18.95
CA ARG B 182 -19.62 -23.94 -20.32
C ARG B 182 -19.45 -22.70 -21.20
N GLU B 183 -18.53 -22.80 -22.17
CA GLU B 183 -18.26 -21.70 -23.09
C GLU B 183 -19.51 -21.30 -23.88
N GLY B 184 -19.35 -20.26 -24.70
CA GLY B 184 -19.98 -18.96 -24.47
C GLY B 184 -21.24 -18.78 -23.67
N THR B 185 -21.19 -19.09 -22.37
CA THR B 185 -22.15 -18.53 -21.43
C THR B 185 -21.86 -17.03 -21.38
N PRO B 186 -22.89 -16.18 -21.48
CA PRO B 186 -22.57 -14.75 -21.45
C PRO B 186 -21.88 -14.37 -20.14
N LEU B 187 -21.23 -13.22 -20.15
CA LEU B 187 -20.37 -12.79 -19.04
C LEU B 187 -21.19 -12.38 -17.80
N GLU B 188 -22.35 -11.76 -18.02
CA GLU B 188 -23.23 -11.36 -16.91
C GLU B 188 -23.81 -12.59 -16.17
N GLU B 189 -24.05 -13.69 -16.91
CA GLU B 189 -24.46 -14.97 -16.30
C GLU B 189 -23.31 -15.58 -15.50
N MET B 190 -22.11 -15.41 -16.02
CA MET B 190 -20.91 -15.96 -15.41
C MET B 190 -20.58 -15.20 -14.13
N LYS B 191 -20.76 -13.88 -14.14
CA LYS B 191 -20.60 -13.05 -12.94
C LYS B 191 -21.62 -13.44 -11.86
N ALA B 192 -22.86 -13.62 -12.28
CA ALA B 192 -23.94 -14.08 -11.42
C ALA B 192 -23.53 -15.29 -10.59
N LYS B 193 -23.00 -16.32 -11.24
CA LYS B 193 -22.66 -17.58 -10.59
C LYS B 193 -21.48 -17.39 -9.65
N LEU B 194 -20.51 -16.59 -10.10
CA LEU B 194 -19.33 -16.24 -9.29
C LEU B 194 -19.74 -15.58 -7.98
N TYR B 195 -20.74 -14.71 -8.02
CA TYR B 195 -21.27 -14.05 -6.84
C TYR B 195 -21.93 -15.01 -5.87
N GLU B 196 -22.73 -15.95 -6.38
CA GLU B 196 -23.53 -16.78 -5.49
C GLU B 196 -22.71 -17.88 -4.83
N ASN B 197 -21.55 -18.18 -5.40
CA ASN B 197 -20.60 -19.12 -4.80
C ASN B 197 -19.50 -18.42 -4.03
N ARG B 198 -19.57 -17.08 -4.02
CA ARG B 198 -18.65 -16.24 -3.21
C ARG B 198 -17.18 -16.51 -3.55
N ILE B 199 -16.92 -16.73 -4.86
CA ILE B 199 -15.58 -17.06 -5.40
C ILE B 199 -15.13 -16.05 -6.47
N GLU B 200 -13.83 -16.07 -6.80
CA GLU B 200 -13.22 -15.04 -7.66
C GLU B 200 -12.88 -15.52 -9.07
N LYS B 201 -12.68 -16.83 -9.23
CA LYS B 201 -12.26 -17.42 -10.51
C LYS B 201 -13.29 -18.39 -11.11
N MET B 202 -13.73 -18.10 -12.34
CA MET B 202 -14.58 -19.02 -13.11
C MET B 202 -13.77 -19.82 -14.13
N LEU B 203 -13.84 -21.15 -14.03
CA LEU B 203 -13.20 -22.03 -14.99
C LEU B 203 -14.17 -22.26 -16.16
N VAL B 204 -13.77 -21.86 -17.36
CA VAL B 204 -14.58 -22.11 -18.55
C VAL B 204 -14.20 -23.47 -19.10
N VAL B 205 -15.17 -24.39 -19.13
CA VAL B 205 -14.91 -25.76 -19.61
C VAL B 205 -15.73 -26.12 -20.85
N ASP B 206 -15.72 -27.42 -21.17
CA ASP B 206 -16.15 -27.95 -22.44
C ASP B 206 -17.48 -28.68 -22.29
N GLU B 207 -17.72 -29.66 -23.16
CA GLU B 207 -18.75 -30.66 -22.97
C GLU B 207 -18.12 -31.89 -22.31
N ASN B 208 -16.83 -32.07 -22.52
CA ASN B 208 -16.08 -33.21 -21.96
C ASN B 208 -15.13 -32.74 -20.85
N PHE B 209 -15.51 -31.68 -20.17
CA PHE B 209 -14.77 -31.15 -19.02
C PHE B 209 -13.29 -30.85 -19.30
N TYR B 210 -12.98 -30.58 -20.56
CA TYR B 210 -11.68 -30.02 -20.92
C TYR B 210 -11.72 -28.52 -20.63
N LEU B 211 -10.60 -27.99 -20.13
CA LEU B 211 -10.50 -26.56 -19.78
C LEU B 211 -10.32 -25.68 -21.01
N ARG B 212 -11.20 -24.71 -21.17
CA ARG B 212 -11.15 -23.80 -22.32
C ARG B 212 -10.75 -22.35 -22.00
N GLY B 213 -10.54 -22.03 -20.72
CA GLY B 213 -10.02 -20.72 -20.32
C GLY B 213 -10.36 -20.30 -18.91
N LEU B 214 -9.88 -19.10 -18.53
CA LEU B 214 -10.06 -18.56 -17.17
C LEU B 214 -10.64 -17.14 -17.26
N VAL B 215 -11.63 -16.87 -16.40
CA VAL B 215 -12.21 -15.53 -16.26
C VAL B 215 -12.34 -15.22 -14.79
N THR B 216 -11.77 -14.10 -14.35
CA THR B 216 -11.92 -13.72 -12.95
C THR B 216 -12.96 -12.60 -12.84
N PHE B 217 -13.54 -12.48 -11.65
CA PHE B 217 -14.49 -11.41 -11.33
C PHE B 217 -13.84 -10.08 -11.67
N ARG B 218 -12.61 -9.92 -11.16
CA ARG B 218 -11.75 -8.77 -11.44
C ARG B 218 -11.88 -8.27 -12.89
N ASP B 219 -11.85 -9.20 -13.84
CA ASP B 219 -11.73 -8.89 -15.27
C ASP B 219 -12.99 -8.34 -15.97
N ILE B 220 -14.16 -8.64 -15.45
CA ILE B 220 -15.44 -8.39 -16.15
C ILE B 220 -15.95 -6.95 -16.08
N GLU B 221 -15.64 -6.22 -14.99
CA GLU B 221 -16.15 -4.84 -14.77
C GLU B 221 -15.67 -3.95 -15.92
N LYS B 222 -14.62 -3.20 -15.60
CA LYS B 222 -13.32 -3.53 -16.17
C LYS B 222 -13.37 -3.93 -17.65
N ALA B 223 -13.11 -5.20 -17.99
CA ALA B 223 -13.28 -5.69 -19.35
C ALA B 223 -14.57 -5.12 -19.90
N LYS B 224 -15.67 -5.45 -19.22
CA LYS B 224 -16.99 -4.91 -19.53
C LYS B 224 -16.97 -3.48 -20.04
N THR B 225 -16.00 -2.68 -19.57
CA THR B 225 -15.81 -1.33 -20.11
C THR B 225 -14.31 -0.98 -20.27
N TYR B 226 -14.03 -0.26 -21.36
CA TYR B 226 -13.34 -0.80 -22.54
C TYR B 226 -14.46 -1.32 -23.46
N PRO B 227 -15.50 -0.51 -23.70
CA PRO B 227 -16.40 -0.89 -24.78
C PRO B 227 -15.78 -0.64 -26.18
N LEU B 228 -14.85 0.31 -26.28
CA LEU B 228 -14.30 0.67 -27.58
C LEU B 228 -13.24 -0.29 -28.13
N ALA B 229 -13.00 -1.40 -27.43
CA ALA B 229 -11.93 -2.34 -27.77
C ALA B 229 -11.72 -2.59 -29.27
N SER B 230 -10.48 -2.43 -29.73
CA SER B 230 -10.10 -2.71 -31.13
C SER B 230 -9.90 -4.22 -31.35
N LYS B 231 -10.53 -4.76 -32.39
CA LYS B 231 -10.63 -6.21 -32.60
C LYS B 231 -10.66 -6.60 -34.08
N ASP B 232 -9.98 -7.68 -34.44
CA ASP B 232 -9.99 -8.15 -35.84
C ASP B 232 -11.21 -9.03 -36.12
N GLU B 233 -11.18 -9.71 -37.26
CA GLU B 233 -12.32 -10.51 -37.73
C GLU B 233 -12.75 -11.66 -36.80
N GLN B 234 -11.84 -12.10 -35.93
CA GLN B 234 -12.09 -13.23 -35.05
C GLN B 234 -12.20 -12.82 -33.58
N GLY B 235 -12.50 -11.54 -33.34
CA GLY B 235 -12.65 -11.01 -31.98
C GLY B 235 -11.34 -10.90 -31.22
N ARG B 236 -10.25 -10.75 -31.97
CA ARG B 236 -8.90 -10.71 -31.41
C ARG B 236 -8.39 -9.27 -31.42
N LEU B 237 -7.73 -8.85 -30.32
CA LEU B 237 -7.21 -7.47 -30.21
C LEU B 237 -6.21 -7.17 -31.30
N ARG B 238 -6.34 -6.02 -31.94
CA ARG B 238 -5.42 -5.70 -33.03
C ARG B 238 -4.06 -5.24 -32.48
N VAL B 239 -3.01 -5.44 -33.29
CA VAL B 239 -1.66 -5.06 -32.93
C VAL B 239 -0.84 -4.94 -34.24
N GLY B 240 0.09 -3.99 -34.24
CA GLY B 240 1.05 -3.87 -35.33
C GLY B 240 2.46 -4.09 -34.81
N ALA B 241 3.40 -4.33 -35.73
CA ALA B 241 4.82 -4.46 -35.38
C ALA B 241 5.70 -3.77 -36.42
N ALA B 242 6.79 -3.15 -35.96
CA ALA B 242 7.73 -2.44 -36.84
C ALA B 242 8.81 -3.33 -37.47
N VAL B 243 9.33 -2.90 -38.62
CA VAL B 243 10.49 -3.52 -39.26
C VAL B 243 11.39 -2.43 -39.88
N GLY B 244 12.50 -2.83 -40.49
CA GLY B 244 13.43 -1.88 -41.13
C GLY B 244 13.60 -2.16 -42.61
N THR B 245 14.68 -1.63 -43.17
CA THR B 245 14.96 -1.77 -44.60
C THR B 245 15.80 -3.01 -44.89
N GLY B 246 16.84 -3.20 -44.10
CA GLY B 246 17.92 -4.12 -44.45
C GLY B 246 17.90 -5.53 -43.84
N ALA B 247 19.10 -6.08 -43.80
CA ALA B 247 19.37 -7.44 -44.27
C ALA B 247 18.35 -8.57 -44.02
N ASP B 248 17.85 -8.71 -42.80
CA ASP B 248 17.03 -9.86 -42.45
C ASP B 248 15.54 -9.60 -42.62
N THR B 249 15.20 -8.35 -42.92
CA THR B 249 13.82 -7.87 -42.89
C THR B 249 12.84 -8.92 -43.42
N GLY B 250 13.04 -9.37 -44.65
CA GLY B 250 12.14 -10.35 -45.27
C GLY B 250 11.66 -11.45 -44.35
N GLU B 251 12.51 -11.80 -43.38
CA GLU B 251 12.28 -12.90 -42.46
C GLU B 251 11.73 -12.45 -41.13
N ARG B 252 12.00 -11.19 -40.76
CA ARG B 252 11.37 -10.58 -39.60
C ARG B 252 9.90 -10.39 -39.91
N VAL B 253 9.62 -9.97 -41.14
CA VAL B 253 8.25 -9.77 -41.59
C VAL B 253 7.47 -11.07 -41.49
N ALA B 254 7.98 -12.10 -42.16
CA ALA B 254 7.35 -13.42 -42.23
C ALA B 254 7.05 -13.99 -40.84
N ALA B 255 7.93 -13.67 -39.89
CA ALA B 255 7.76 -14.10 -38.50
C ALA B 255 6.55 -13.43 -37.85
N LEU B 256 6.44 -12.13 -38.04
CA LEU B 256 5.36 -11.35 -37.44
C LEU B 256 4.01 -11.71 -38.08
N VAL B 257 3.99 -11.91 -39.39
CA VAL B 257 2.77 -12.27 -40.12
C VAL B 257 2.31 -13.65 -39.71
N ALA B 258 3.26 -14.55 -39.49
CA ALA B 258 2.95 -15.91 -38.99
C ALA B 258 2.40 -15.85 -37.56
N ALA B 259 2.81 -14.84 -36.80
CA ALA B 259 2.41 -14.69 -35.41
C ALA B 259 1.06 -14.01 -35.28
N GLY B 260 0.56 -13.47 -36.39
CA GLY B 260 -0.80 -12.98 -36.47
C GLY B 260 -0.92 -11.48 -36.36
N VAL B 261 0.16 -10.77 -36.71
CA VAL B 261 0.16 -9.33 -36.64
C VAL B 261 -0.89 -8.80 -37.64
N ASP B 262 -1.55 -7.70 -37.28
CA ASP B 262 -2.61 -7.11 -38.11
C ASP B 262 -2.03 -6.16 -39.14
N VAL B 263 -0.94 -5.48 -38.75
CA VAL B 263 -0.26 -4.51 -39.60
C VAL B 263 1.29 -4.56 -39.43
N VAL B 264 1.99 -4.56 -40.55
CA VAL B 264 3.44 -4.50 -40.54
C VAL B 264 3.83 -3.07 -40.85
N VAL B 265 4.64 -2.46 -39.98
CA VAL B 265 5.07 -1.08 -40.18
C VAL B 265 6.53 -0.99 -40.60
N VAL B 266 6.77 -0.56 -41.83
CA VAL B 266 8.14 -0.27 -42.27
C VAL B 266 8.47 1.10 -41.68
N ASP B 267 9.19 1.10 -40.55
CA ASP B 267 9.42 2.29 -39.73
C ASP B 267 10.87 2.69 -39.81
N THR B 268 11.16 3.73 -40.59
CA THR B 268 12.52 4.22 -40.78
C THR B 268 12.59 5.70 -40.60
N ALA B 269 13.83 6.19 -40.58
CA ALA B 269 14.15 7.60 -40.49
C ALA B 269 13.82 8.31 -41.78
N HIS B 270 13.84 7.58 -42.90
CA HIS B 270 13.72 8.19 -44.23
C HIS B 270 12.96 7.27 -45.17
N GLY B 271 11.64 7.30 -45.02
CA GLY B 271 10.70 6.57 -45.87
C GLY B 271 10.76 6.86 -47.37
N HIS B 272 11.17 8.06 -47.77
CA HIS B 272 11.30 8.37 -49.20
C HIS B 272 12.64 7.86 -49.74
N SER B 273 12.85 6.54 -49.65
CA SER B 273 14.04 5.90 -50.19
C SER B 273 13.72 4.63 -50.95
N LYS B 274 14.59 4.27 -51.87
CA LYS B 274 14.47 3.03 -52.62
C LYS B 274 14.25 1.84 -51.69
N GLY B 275 14.98 1.80 -50.59
CA GLY B 275 14.93 0.69 -49.64
C GLY B 275 13.59 0.54 -48.96
N VAL B 276 12.97 1.68 -48.62
CA VAL B 276 11.65 1.64 -48.01
C VAL B 276 10.59 1.33 -49.06
N ILE B 277 10.63 2.02 -50.19
CA ILE B 277 9.67 1.79 -51.26
C ILE B 277 9.72 0.31 -51.70
N GLU B 278 10.91 -0.22 -51.96
CA GLU B 278 11.06 -1.61 -52.42
C GLU B 278 10.53 -2.63 -51.43
N ARG B 279 10.70 -2.33 -50.14
CA ARG B 279 10.32 -3.27 -49.10
C ARG B 279 8.80 -3.30 -48.97
N VAL B 280 8.20 -2.11 -48.87
CA VAL B 280 6.75 -1.97 -48.85
C VAL B 280 6.10 -2.66 -50.03
N ARG B 281 6.55 -2.37 -51.25
CA ARG B 281 6.05 -3.09 -52.43
C ARG B 281 6.13 -4.60 -52.22
N TRP B 282 7.27 -5.06 -51.73
CA TRP B 282 7.54 -6.49 -51.59
C TRP B 282 6.56 -7.14 -50.64
N VAL B 283 6.38 -6.51 -49.48
CA VAL B 283 5.43 -6.99 -48.49
C VAL B 283 4.03 -7.13 -49.08
N LYS B 284 3.63 -6.18 -49.91
CA LYS B 284 2.29 -6.16 -50.51
C LYS B 284 2.03 -7.34 -51.47
N GLN B 285 3.06 -7.80 -52.18
CA GLN B 285 2.89 -8.91 -53.13
C GLN B 285 3.34 -10.25 -52.54
N THR B 286 4.21 -10.23 -51.52
CA THR B 286 4.56 -11.44 -50.79
C THR B 286 3.48 -11.79 -49.77
N PHE B 287 2.97 -10.81 -49.04
CA PHE B 287 1.94 -11.05 -48.01
C PHE B 287 0.70 -10.20 -48.21
N PRO B 288 -0.03 -10.44 -49.31
CA PRO B 288 -1.14 -9.56 -49.66
C PRO B 288 -2.35 -9.66 -48.70
N ASP B 289 -2.14 -10.27 -47.53
CA ASP B 289 -3.20 -10.43 -46.51
C ASP B 289 -2.98 -9.59 -45.25
N VAL B 290 -1.79 -9.02 -45.02
CA VAL B 290 -1.61 -8.07 -43.91
C VAL B 290 -1.71 -6.64 -44.44
N GLN B 291 -1.80 -5.71 -43.50
CA GLN B 291 -1.76 -4.29 -43.80
C GLN B 291 -0.33 -3.81 -43.66
N VAL B 292 0.11 -2.98 -44.61
CA VAL B 292 1.46 -2.43 -44.60
C VAL B 292 1.43 -0.92 -44.44
N ILE B 293 2.04 -0.43 -43.37
CA ILE B 293 2.25 1.01 -43.23
C ILE B 293 3.68 1.31 -43.57
N GLY B 294 3.90 2.40 -44.28
CA GLY B 294 5.24 2.80 -44.70
C GLY B 294 5.60 4.20 -44.28
N GLY B 295 6.85 4.37 -43.90
CA GLY B 295 7.46 5.67 -43.80
C GLY B 295 8.50 5.90 -42.72
N ASN B 296 9.03 7.10 -42.80
CA ASN B 296 8.40 8.27 -42.19
C ASN B 296 8.63 9.22 -43.33
N ILE B 297 7.59 9.94 -43.72
CA ILE B 297 7.71 10.90 -44.81
C ILE B 297 7.24 12.28 -44.38
N ALA B 298 7.51 13.28 -45.23
CA ALA B 298 7.09 14.64 -44.98
C ALA B 298 6.80 15.47 -46.24
N THR B 299 6.82 14.87 -47.43
CA THR B 299 6.50 15.56 -48.67
C THR B 299 5.45 14.82 -49.50
N ALA B 300 4.82 15.57 -50.40
CA ALA B 300 3.77 15.04 -51.24
C ALA B 300 4.35 13.96 -52.13
N GLU B 301 5.47 14.25 -52.78
CA GLU B 301 6.09 13.34 -53.73
CA GLU B 301 6.04 13.31 -53.73
C GLU B 301 6.37 11.98 -53.07
N ALA B 302 6.88 12.02 -51.85
CA ALA B 302 7.18 10.81 -51.09
C ALA B 302 5.89 10.02 -50.90
N ALA B 303 4.81 10.72 -50.53
CA ALA B 303 3.52 10.09 -50.31
C ALA B 303 3.04 9.40 -51.58
N LYS B 304 3.12 10.10 -52.70
CA LYS B 304 2.73 9.50 -53.97
C LYS B 304 3.48 8.19 -54.20
N ALA B 305 4.80 8.23 -53.98
CA ALA B 305 5.68 7.08 -54.19
C ALA B 305 5.28 5.88 -53.31
N LEU B 306 5.10 6.12 -52.01
CA LEU B 306 4.67 5.06 -51.09
C LEU B 306 3.30 4.51 -51.46
N ALA B 307 2.44 5.37 -52.00
CA ALA B 307 1.09 4.98 -52.43
C ALA B 307 1.11 4.14 -53.69
N GLU B 308 2.00 4.46 -54.63
CA GLU B 308 2.13 3.68 -55.85
C GLU B 308 2.72 2.32 -55.54
N ALA B 309 3.79 2.30 -54.74
CA ALA B 309 4.36 1.04 -54.23
C ALA B 309 3.26 0.13 -53.75
N GLY B 310 2.30 0.71 -53.03
CA GLY B 310 1.11 -0.02 -52.60
C GLY B 310 0.86 -0.01 -51.10
N ALA B 311 1.29 1.06 -50.43
CA ALA B 311 1.18 1.15 -48.98
C ALA B 311 -0.27 1.30 -48.58
N ASP B 312 -0.67 0.69 -47.46
CA ASP B 312 -2.04 0.78 -46.95
C ASP B 312 -2.27 1.98 -46.03
N ALA B 313 -1.19 2.66 -45.68
CA ALA B 313 -1.22 3.90 -44.94
C ALA B 313 0.20 4.43 -44.95
N VAL B 314 0.34 5.70 -44.65
CA VAL B 314 1.62 6.38 -44.76
C VAL B 314 1.85 7.09 -43.43
N LYS B 315 3.08 7.05 -42.92
CA LYS B 315 3.38 7.70 -41.65
C LYS B 315 4.18 8.97 -41.87
N VAL B 316 3.74 10.05 -41.23
CA VAL B 316 4.25 11.39 -41.50
C VAL B 316 5.03 11.91 -40.31
N GLY B 317 6.22 12.44 -40.57
CA GLY B 317 7.05 13.01 -39.50
C GLY B 317 8.54 12.86 -39.71
N ILE B 318 9.18 13.90 -40.23
CA ILE B 318 10.63 13.98 -40.36
C ILE B 318 11.12 15.31 -39.77
N GLY B 319 11.87 15.24 -38.68
CA GLY B 319 12.25 16.41 -37.88
C GLY B 319 11.11 17.33 -37.45
N PRO B 320 10.11 16.79 -36.71
CA PRO B 320 8.96 17.59 -36.28
C PRO B 320 9.11 18.20 -34.89
N GLY B 321 10.23 17.88 -34.22
CA GLY B 321 10.52 18.39 -32.89
C GLY B 321 11.63 19.43 -32.87
N SER B 322 11.24 20.67 -32.59
CA SER B 322 12.15 21.83 -32.50
C SER B 322 13.63 21.56 -32.13
N ILE B 323 13.89 20.55 -31.29
CA ILE B 323 15.26 20.24 -30.87
C ILE B 323 15.61 18.76 -31.05
N CYS B 324 14.88 18.03 -31.90
CA CYS B 324 15.24 16.63 -32.18
C CYS B 324 16.65 16.54 -32.79
N THR B 325 17.20 15.34 -32.92
CA THR B 325 18.55 15.24 -33.46
C THR B 325 18.51 15.40 -34.98
N THR B 326 17.55 14.77 -35.63
CA THR B 326 17.35 14.96 -37.07
C THR B 326 17.55 16.43 -37.48
N ARG B 327 16.87 17.35 -36.80
CA ARG B 327 17.08 18.80 -37.03
C ARG B 327 18.49 19.31 -36.70
N ILE B 328 19.05 18.87 -35.57
CA ILE B 328 20.25 19.52 -35.02
C ILE B 328 21.52 18.95 -35.61
N VAL B 329 21.58 17.63 -35.72
CA VAL B 329 22.75 16.97 -36.28
C VAL B 329 22.78 17.08 -37.81
N ALA B 330 21.62 16.91 -38.43
CA ALA B 330 21.51 16.77 -39.88
C ALA B 330 20.99 18.01 -40.58
N GLY B 331 20.44 18.97 -39.84
CA GLY B 331 19.93 20.21 -40.43
C GLY B 331 18.66 20.03 -41.24
N VAL B 332 17.98 18.92 -40.99
CA VAL B 332 16.85 18.45 -41.80
C VAL B 332 15.56 18.45 -40.99
N GLY B 333 14.43 18.62 -41.69
CA GLY B 333 13.11 18.55 -41.06
C GLY B 333 12.07 19.37 -41.79
N VAL B 334 10.80 18.98 -41.62
CA VAL B 334 9.66 19.77 -42.10
C VAL B 334 8.61 19.98 -41.00
N PRO B 335 8.36 21.24 -40.60
CA PRO B 335 7.40 21.54 -39.55
C PRO B 335 6.10 20.81 -39.76
N GLN B 336 5.59 20.21 -38.69
CA GLN B 336 4.66 19.08 -38.77
C GLN B 336 3.28 19.39 -39.37
N ILE B 337 2.74 20.57 -39.07
CA ILE B 337 1.43 20.96 -39.60
C ILE B 337 1.45 21.04 -41.13
N SER B 338 2.51 21.59 -41.70
CA SER B 338 2.61 21.69 -43.16
C SER B 338 2.93 20.36 -43.79
N ALA B 339 3.68 19.52 -43.07
CA ALA B 339 4.00 18.16 -43.51
C ALA B 339 2.72 17.36 -43.70
N ILE B 340 1.95 17.28 -42.63
CA ILE B 340 0.66 16.60 -42.65
C ILE B 340 -0.21 17.09 -43.79
N ALA B 341 -0.39 18.41 -43.87
CA ALA B 341 -1.34 18.99 -44.84
C ALA B 341 -0.86 18.69 -46.25
N ASN B 342 0.45 18.81 -46.47
CA ASN B 342 1.01 18.56 -47.78
C ASN B 342 0.88 17.10 -48.16
N VAL B 343 1.01 16.21 -47.18
CA VAL B 343 0.83 14.79 -47.43
C VAL B 343 -0.66 14.47 -47.65
N ALA B 344 -1.54 14.93 -46.75
CA ALA B 344 -2.99 14.85 -46.93
C ALA B 344 -3.46 15.18 -48.34
N ALA B 345 -3.09 16.37 -48.80
CA ALA B 345 -3.43 16.85 -50.14
C ALA B 345 -2.98 15.86 -51.22
N ALA B 346 -1.75 15.36 -51.08
CA ALA B 346 -1.22 14.34 -52.00
C ALA B 346 -2.06 13.07 -52.05
N LEU B 347 -2.64 12.68 -50.91
CA LEU B 347 -3.36 11.42 -50.79
C LEU B 347 -4.90 11.52 -50.96
N GLU B 348 -5.38 12.73 -51.28
CA GLU B 348 -6.78 13.03 -51.60
C GLU B 348 -7.64 11.87 -52.12
N GLY B 349 -7.62 11.66 -53.44
CA GLY B 349 -8.58 10.74 -54.04
C GLY B 349 -8.25 9.26 -53.84
N THR B 350 -7.18 8.99 -53.09
CA THR B 350 -6.51 7.69 -53.13
C THR B 350 -7.06 6.70 -52.12
N GLY B 351 -7.61 7.20 -51.01
CA GLY B 351 -8.09 6.32 -49.95
C GLY B 351 -7.01 5.75 -49.04
N VAL B 352 -5.79 6.27 -49.15
CA VAL B 352 -4.67 5.84 -48.30
C VAL B 352 -4.60 6.74 -47.07
N PRO B 353 -4.83 6.18 -45.87
CA PRO B 353 -4.78 7.05 -44.69
C PRO B 353 -3.36 7.47 -44.30
N LEU B 354 -3.24 8.61 -43.61
CA LEU B 354 -1.96 9.07 -43.10
C LEU B 354 -1.98 9.25 -41.58
N ILE B 355 -0.88 8.84 -40.94
CA ILE B 355 -0.68 8.92 -39.49
C ILE B 355 0.37 9.98 -39.13
N ALA B 356 -0.01 10.90 -38.24
CA ALA B 356 0.89 11.96 -37.78
C ALA B 356 1.78 11.48 -36.64
N ASP B 357 3.08 11.40 -36.90
CA ASP B 357 4.05 10.84 -35.94
C ASP B 357 5.07 11.90 -35.54
N GLY B 358 4.93 12.43 -34.34
CA GLY B 358 5.92 13.37 -33.78
C GLY B 358 5.45 14.81 -33.56
N GLY B 359 5.98 15.44 -32.52
CA GLY B 359 5.82 16.88 -32.32
C GLY B 359 4.75 17.38 -31.36
N ILE B 360 3.98 16.45 -30.78
CA ILE B 360 2.80 16.78 -29.99
C ILE B 360 3.12 16.84 -28.50
N ARG B 361 3.04 18.05 -27.94
CA ARG B 361 3.29 18.30 -26.52
C ARG B 361 2.02 18.27 -25.65
N PHE B 362 0.89 18.70 -26.22
CA PHE B 362 -0.40 18.70 -25.50
C PHE B 362 -1.56 18.30 -26.42
N SER B 363 -2.78 18.25 -25.87
CA SER B 363 -3.94 17.77 -26.63
C SER B 363 -4.44 18.76 -27.67
N GLY B 364 -4.06 20.02 -27.52
CA GLY B 364 -4.37 21.04 -28.53
C GLY B 364 -3.67 20.72 -29.82
N ASP B 365 -2.46 20.19 -29.71
CA ASP B 365 -1.67 19.80 -30.85
C ASP B 365 -2.35 18.67 -31.60
N LEU B 366 -2.89 17.70 -30.85
CA LEU B 366 -3.59 16.55 -31.46
C LEU B 366 -4.81 17.02 -32.25
N ALA B 367 -5.55 17.98 -31.69
CA ALA B 367 -6.68 18.55 -32.38
C ALA B 367 -6.19 19.16 -33.70
N LYS B 368 -5.15 19.99 -33.62
CA LYS B 368 -4.61 20.69 -34.78
C LYS B 368 -4.15 19.69 -35.84
N ALA B 369 -3.43 18.66 -35.40
CA ALA B 369 -3.01 17.57 -36.27
C ALA B 369 -4.13 17.05 -37.18
N MET B 370 -5.25 16.71 -36.58
CA MET B 370 -6.39 16.17 -37.31
C MET B 370 -6.91 17.16 -38.34
N VAL B 371 -7.07 18.42 -37.94
CA VAL B 371 -7.66 19.43 -38.84
C VAL B 371 -6.76 19.66 -40.05
N ALA B 372 -5.44 19.57 -39.82
CA ALA B 372 -4.41 19.56 -40.86
C ALA B 372 -4.52 18.41 -41.87
N GLY B 373 -5.19 17.32 -41.50
CA GLY B 373 -5.51 16.26 -42.44
C GLY B 373 -5.19 14.84 -41.98
N ALA B 374 -4.69 14.67 -40.77
CA ALA B 374 -4.23 13.35 -40.32
C ALA B 374 -5.42 12.48 -39.95
N TYR B 375 -5.26 11.16 -40.10
CA TYR B 375 -6.32 10.20 -39.76
C TYR B 375 -6.20 9.72 -38.31
N CYS B 376 -4.96 9.69 -37.79
CA CYS B 376 -4.72 9.48 -36.37
C CYS B 376 -3.29 9.94 -36.06
N VAL B 377 -2.96 10.03 -34.77
CA VAL B 377 -1.68 10.56 -34.39
C VAL B 377 -0.92 9.57 -33.50
N MET B 378 0.39 9.46 -33.72
CA MET B 378 1.21 8.53 -32.99
C MET B 378 1.95 9.26 -31.91
N MET B 379 2.07 8.66 -30.73
CA MET B 379 2.80 9.28 -29.63
C MET B 379 3.70 8.35 -28.85
N GLY B 380 4.88 8.87 -28.53
CA GLY B 380 5.85 8.16 -27.70
C GLY B 380 5.89 8.69 -26.28
N SER B 381 6.62 9.78 -26.08
CA SER B 381 6.92 10.28 -24.72
C SER B 381 5.68 10.64 -23.88
N MET B 382 4.57 10.96 -24.54
CA MET B 382 3.28 11.06 -23.86
C MET B 382 3.04 9.82 -22.99
N PHE B 383 3.30 8.66 -23.60
CA PHE B 383 3.04 7.37 -22.98
C PHE B 383 4.25 6.87 -22.18
N ALA B 384 5.43 7.42 -22.51
CA ALA B 384 6.63 7.44 -21.64
C ALA B 384 6.63 6.48 -20.46
N GLY B 385 6.03 6.92 -19.35
CA GLY B 385 6.19 6.24 -18.05
C GLY B 385 4.88 5.83 -17.42
N THR B 386 3.97 5.38 -18.28
CA THR B 386 2.72 4.79 -17.85
C THR B 386 3.00 3.35 -17.45
N GLU B 387 2.50 2.92 -16.29
CA GLU B 387 2.71 1.55 -15.83
C GLU B 387 2.78 0.56 -16.99
N GLU B 388 1.83 0.70 -17.91
CA GLU B 388 1.73 -0.15 -19.09
C GLU B 388 3.02 -0.13 -19.92
N ALA B 389 3.68 1.03 -19.95
CA ALA B 389 4.96 1.17 -20.63
C ALA B 389 6.06 0.48 -19.84
N PRO B 390 7.08 -0.03 -20.53
CA PRO B 390 8.23 -0.65 -19.91
C PRO B 390 8.66 0.03 -18.61
N ALA B 448 -0.33 5.00 -15.38
CA ALA B 448 -1.73 4.71 -15.66
C ALA B 448 -2.17 5.30 -17.00
N LEU B 449 -2.12 4.48 -18.06
CA LEU B 449 -2.40 4.96 -19.44
C LEU B 449 -3.80 5.56 -19.59
N SER B 450 -4.76 5.03 -18.84
CA SER B 450 -6.15 5.46 -18.93
C SER B 450 -6.30 6.97 -18.83
N ALA B 451 -5.75 7.56 -17.76
CA ALA B 451 -5.92 8.98 -17.50
C ALA B 451 -5.38 9.82 -18.64
N ILE B 452 -4.21 9.41 -19.16
CA ILE B 452 -3.52 10.12 -20.26
C ILE B 452 -4.32 10.06 -21.57
N VAL B 453 -4.96 8.93 -21.83
CA VAL B 453 -5.81 8.77 -23.03
C VAL B 453 -7.12 9.56 -22.90
N HIS B 454 -7.72 9.55 -21.72
CA HIS B 454 -8.99 10.23 -21.48
C HIS B 454 -8.88 11.75 -21.63
N GLN B 455 -7.78 12.32 -21.15
CA GLN B 455 -7.51 13.75 -21.26
C GLN B 455 -7.31 14.11 -22.71
N LEU B 456 -6.56 13.28 -23.42
CA LEU B 456 -6.24 13.54 -24.82
C LEU B 456 -7.50 13.63 -25.67
N MET B 457 -8.37 12.63 -25.57
CA MET B 457 -9.62 12.61 -26.30
C MET B 457 -10.57 13.67 -25.75
N GLY B 458 -10.52 13.89 -24.44
CA GLY B 458 -11.31 14.95 -23.82
C GLY B 458 -11.13 16.27 -24.55
N GLY B 459 -9.89 16.63 -24.82
CA GLY B 459 -9.57 17.85 -25.54
C GLY B 459 -9.85 17.82 -27.03
N LEU B 460 -9.63 16.67 -27.67
CA LEU B 460 -9.98 16.55 -29.08
C LEU B 460 -11.49 16.76 -29.22
N ARG B 461 -12.26 16.13 -28.33
CA ARG B 461 -13.70 16.33 -28.29
C ARG B 461 -14.03 17.81 -28.07
N ALA B 462 -13.35 18.47 -27.14
CA ALA B 462 -13.56 19.91 -26.92
C ALA B 462 -13.31 20.69 -28.21
N ALA B 463 -12.23 20.34 -28.90
CA ALA B 463 -11.86 21.00 -30.14
C ALA B 463 -12.93 20.82 -31.20
N MET B 464 -13.49 19.62 -31.24
CA MET B 464 -14.59 19.31 -32.17
C MET B 464 -15.84 20.09 -31.80
N GLY B 465 -16.06 20.30 -30.51
CA GLY B 465 -17.22 21.06 -30.05
C GLY B 465 -17.16 22.48 -30.56
N TYR B 466 -16.00 23.12 -30.32
CA TYR B 466 -15.72 24.47 -30.80
C TYR B 466 -15.84 24.63 -32.33
N THR B 467 -15.22 23.72 -33.09
CA THR B 467 -15.22 23.85 -34.56
C THR B 467 -16.54 23.43 -35.19
N GLY B 468 -17.38 22.74 -34.43
CA GLY B 468 -18.71 22.32 -34.90
C GLY B 468 -18.68 21.03 -35.70
N SER B 469 -17.68 20.19 -35.40
CA SER B 469 -17.43 18.98 -36.15
C SER B 469 -17.97 17.73 -35.43
N ALA B 470 -18.96 17.07 -36.04
CA ALA B 470 -19.66 15.94 -35.45
C ALA B 470 -18.90 14.63 -35.52
N ASP B 471 -18.13 14.42 -36.58
CA ASP B 471 -17.32 13.21 -36.72
C ASP B 471 -15.90 13.55 -37.15
N ILE B 472 -15.07 12.54 -37.37
CA ILE B 472 -13.67 12.82 -37.72
C ILE B 472 -13.44 13.20 -39.18
N GLN B 473 -14.27 12.68 -40.08
CA GLN B 473 -14.20 13.08 -41.46
C GLN B 473 -14.53 14.58 -41.61
N GLN B 474 -15.42 15.11 -40.75
CA GLN B 474 -15.76 16.53 -40.79
C GLN B 474 -14.59 17.34 -40.22
N MET B 475 -14.05 16.90 -39.10
CA MET B 475 -12.98 17.64 -38.39
C MET B 475 -11.73 17.78 -39.24
N ARG B 476 -11.52 16.84 -40.15
CA ARG B 476 -10.34 16.80 -41.02
C ARG B 476 -10.44 17.67 -42.26
N THR B 477 -11.66 17.98 -42.68
CA THR B 477 -11.91 18.59 -43.98
C THR B 477 -12.57 19.98 -43.93
N GLN B 478 -13.24 20.31 -42.84
CA GLN B 478 -14.07 21.51 -42.79
C GLN B 478 -13.49 22.71 -42.01
N PRO B 479 -12.95 22.48 -40.80
CA PRO B 479 -12.49 23.62 -39.99
C PRO B 479 -11.26 24.33 -40.55
N GLN B 480 -11.05 25.57 -40.07
CA GLN B 480 -9.97 26.43 -40.54
C GLN B 480 -9.05 26.86 -39.42
N PHE B 481 -7.81 27.22 -39.77
CA PHE B 481 -6.87 27.79 -38.82
C PHE B 481 -6.75 29.27 -39.04
N VAL B 482 -6.28 29.98 -38.02
CA VAL B 482 -5.63 31.26 -38.21
C VAL B 482 -4.14 31.00 -37.99
N ARG B 483 -3.29 31.79 -38.63
CA ARG B 483 -1.85 31.77 -38.32
C ARG B 483 -1.55 32.84 -37.29
N ILE B 484 -0.73 32.52 -36.29
CA ILE B 484 -0.37 33.47 -35.23
C ILE B 484 1.12 33.81 -35.24
N THR B 485 1.54 34.76 -34.38
CA THR B 485 2.91 35.29 -34.38
C THR B 485 3.79 34.95 -33.16
N GLY B 486 3.19 34.60 -32.02
CA GLY B 486 3.91 34.57 -30.73
C GLY B 486 4.30 35.95 -30.20
PG ATP C . -11.43 -10.57 -0.08
O1G ATP C . -10.29 -10.85 0.90
O2G ATP C . -11.94 -9.15 -0.11
O3G ATP C . -11.19 -11.10 -1.47
PB ATP C . -13.38 -11.06 1.98
O1B ATP C . -12.41 -10.22 2.80
O2B ATP C . -14.85 -10.72 1.91
O3B ATP C . -12.72 -11.32 0.53
PA ATP C . -14.05 -13.10 3.83
O1A ATP C . -14.30 -11.98 4.81
O2A ATP C . -13.21 -14.28 4.23
O3A ATP C . -13.35 -12.57 2.49
O5' ATP C . -15.52 -13.57 3.38
C5' ATP C . -15.78 -14.44 2.30
C4' ATP C . -17.19 -15.00 2.46
O4' ATP C . -17.22 -15.72 3.69
C3' ATP C . -18.28 -13.92 2.56
O3' ATP C . -19.49 -14.31 1.90
C2' ATP C . -18.57 -13.78 4.03
O2' ATP C . -19.91 -13.35 4.26
C1' ATP C . -18.24 -15.19 4.53
N9 ATP C . -17.71 -15.27 5.90
C8 ATP C . -16.74 -14.49 6.47
N7 ATP C . -16.50 -14.89 7.75
C5 ATP C . -17.29 -15.95 7.99
C6 ATP C . -17.56 -16.85 9.11
N6 ATP C . -16.91 -16.72 10.27
N1 ATP C . -18.48 -17.82 8.94
C2 ATP C . -19.14 -17.97 7.80
N3 ATP C . -18.96 -17.19 6.74
C4 ATP C . -18.07 -16.19 6.77
MN MN D . -10.41 -9.39 2.66
PG ATP E . -7.19 -9.57 3.82
O1G ATP E . -8.17 -10.10 2.78
O2G ATP E . -6.70 -10.59 4.83
O3G ATP E . -6.10 -8.70 3.24
PB ATP E . -9.27 -9.07 5.71
O1B ATP E . -8.84 -10.34 6.42
O2B ATP E . -10.57 -9.05 4.96
O3B ATP E . -8.08 -8.58 4.73
PA ATP E . -9.75 -6.40 6.64
O1A ATP E . -11.24 -6.39 6.38
O2A ATP E . -8.81 -5.64 5.75
O3A ATP E . -9.26 -7.92 6.82
O5' ATP E . -9.47 -5.88 8.14
C5' ATP E . -8.11 -5.86 8.56
C4' ATP E . -7.93 -5.67 10.06
O4' ATP E . -8.74 -4.58 10.52
C3' ATP E . -8.34 -6.87 10.90
O3' ATP E . -7.31 -7.85 11.04
C2' ATP E . -8.73 -6.22 12.22
O2' ATP E . -7.58 -6.00 13.05
C1' ATP E . -9.33 -4.89 11.78
N9 ATP E . -10.81 -5.00 11.64
C8 ATP E . -11.45 -5.53 10.59
N7 ATP E . -12.80 -5.50 10.75
C5 ATP E . -13.05 -4.93 11.92
C6 ATP E . -14.27 -4.58 12.69
N6 ATP E . -15.51 -4.86 12.22
N1 ATP E . -14.09 -3.97 13.87
C2 ATP E . -12.86 -3.70 14.37
N3 ATP E . -11.71 -3.99 13.72
C4 ATP E . -11.74 -4.59 12.51
MN MN F . -8.34 -11.72 1.00
P PO4 G . 12.52 12.45 29.53
O1 PO4 G . 12.91 10.99 29.35
O2 PO4 G . 13.79 13.26 29.80
O3 PO4 G . 11.85 12.94 28.24
O4 PO4 G . 11.54 12.62 30.68
C1 GOL H . -0.82 -6.62 18.47
O1 GOL H . 0.00 -7.75 18.13
C2 GOL H . -2.17 -7.01 19.10
O2 GOL H . -2.51 -6.16 20.19
C3 GOL H . -3.28 -6.91 18.05
O3 GOL H . -3.60 -5.54 17.80
PG ATP I . -8.02 -13.39 -1.80
O1G ATP I . -8.71 -13.83 -0.54
O2G ATP I . -6.57 -13.76 -1.88
O3G ATP I . -8.33 -11.98 -2.21
PB ATP I . -8.45 -15.67 -3.51
O1B ATP I . -7.99 -15.44 -4.91
O2B ATP I . -7.55 -16.44 -2.59
O3B ATP I . -8.82 -14.22 -2.92
PA ATP I . -10.68 -17.19 -4.59
O1A ATP I . -9.84 -17.23 -5.84
O2A ATP I . -12.10 -16.69 -4.68
O3A ATP I . -9.91 -16.40 -3.42
O5' ATP I . -10.78 -18.68 -3.97
C5' ATP I . -11.03 -18.89 -2.59
C4' ATP I . -11.53 -20.31 -2.33
O4' ATP I . -12.47 -20.70 -3.33
C3' ATP I . -10.43 -21.36 -2.40
O3' ATP I . -10.79 -22.46 -1.55
C2' ATP I . -10.44 -21.80 -3.83
O2' ATP I . -9.88 -23.11 -3.97
C1' ATP I . -11.93 -21.74 -4.13
N9 ATP I . -12.23 -21.50 -5.57
C8 ATP I . -11.76 -20.53 -6.38
N7 ATP I . -12.29 -20.66 -7.62
C5 ATP I . -13.12 -21.73 -7.60
C6 ATP I . -14.00 -22.45 -8.56
N6 ATP I . -14.12 -22.04 -9.86
N1 ATP I . -14.69 -23.52 -8.09
C2 ATP I . -14.59 -23.96 -6.83
N3 ATP I . -13.81 -23.35 -5.91
C4 ATP I . -13.08 -22.27 -6.24
MN MN J . -9.92 -11.02 -2.88
PG ATP K . -8.53 -10.18 -6.15
O1G ATP K . -8.37 -11.21 -5.06
O2G ATP K . -9.94 -9.96 -6.61
O3G ATP K . -7.77 -8.91 -5.91
PB ATP K . -7.96 -12.32 -7.97
O1B ATP K . -9.41 -12.54 -8.31
O2B ATP K . -7.25 -13.24 -7.01
O3B ATP K . -7.77 -10.81 -7.44
PA ATP K . -5.59 -12.57 -9.51
O1A ATP K . -5.40 -13.98 -9.98
O2A ATP K . -4.88 -12.06 -8.28
O3A ATP K . -7.16 -12.31 -9.36
O5' ATP K . -5.25 -11.53 -10.70
C5' ATP K . -4.38 -11.83 -11.77
C4' ATP K . -4.97 -11.48 -13.14
O4' ATP K . -4.22 -12.16 -14.15
C3' ATP K . -6.43 -11.90 -13.30
O3' ATP K . -7.29 -10.76 -13.36
C2' ATP K . -6.46 -12.70 -14.60
O2' ATP K . -6.92 -11.91 -15.71
C1' ATP K . -5.02 -13.11 -14.85
N9 ATP K . -4.79 -14.46 -14.29
C8 ATP K . -5.12 -14.91 -13.06
N7 ATP K . -4.75 -16.20 -12.87
C5 ATP K . -4.17 -16.60 -14.01
C6 ATP K . -3.56 -17.86 -14.49
N6 ATP K . -3.50 -18.96 -13.71
N1 ATP K . -3.07 -17.87 -15.74
C2 ATP K . -3.11 -16.79 -16.54
N3 ATP K . -3.65 -15.62 -16.17
C4 ATP K . -4.19 -15.46 -14.94
MN MN L . -7.88 -12.88 -4.77
#